data_7F3Q
#
_entry.id   7F3Q
#
loop_
_entity.id
_entity.type
_entity.pdbx_description
1 polymer 'Spike glycoprotein'
2 polymer 'Heavy chain of A34-2 Fab'
3 polymer 'Light chain of A34-2 Fab'
4 polymer 'Heavy chain of A5-10 Fab'
5 polymer 'Light chain of A5-10 Fab'
6 non-polymer 2-acetamido-2-deoxy-beta-D-glucopyranose
7 non-polymer '2-(N-MORPHOLINO)-ETHANESULFONIC ACID'
#
loop_
_entity_poly.entity_id
_entity_poly.type
_entity_poly.pdbx_seq_one_letter_code
_entity_poly.pdbx_strand_id
1 'polypeptide(L)'
;MFVFLVLLPLVSSQCVNLTTRTQLPPAYTNSFTRGVYYPDKVFRSSVLHSTQDLFLPFFSNVTWFHAIHVSGTNGTKRFD
NPVLPFNDGVYFASTEKSNIIRGWIFGTTLDSKTQSLLIVNNATNVVIKVCEFQFCNDPFLGVYYHKNNKSWMESEFRVY
SSANNCTFEYVSQPFLMDLEGKQGNFKNLREFVFKNIDGYFKIYSKHTPINLVRDLPQGFSALEPLVDLPIGINITRFQT
LLALHRSYLTPGDSSSGWTAGAAAYYVGYLQPRTFLLKYNENGTITDAVDCALDPLSETKCTLKSFTVEKGIYQTSNFRV
QPTESIVRFPNITNLCPFGEVFNATRFASVYAWNRKRISNCVADYSVLYNSASFSTFKCYGVSPTKLNDLCFTNVYADSF
VIRGDEVRQIAPGQTGKIADYNYKLPDDFTGCVIAWNSNNLDSKVGGNYNYLYRLFRKSNLKPFERDISTEIYQAGSTPC
NGVEGFNCYFPLQSYGFQPTNGVGYQPYRVVVLSFELLHAPATVCGPKKSTNLVKNKCVNFNFNGLTGTGVLTESNKKFL
PFQQFGRDIADTTDAVRDPQTLEILDITPCSFGGVSVITPGTNTSNQVAVLYQDVNCTEVPVAIHADQLTPTWRVYSTGS
NVFQTRAGCLIGAEHVNNSYECDIPIGAGICASYQTQTNSPRRARSVASQSIIAYTMSLGAENSVAYSNNSIAIPTNFTI
SVTTEILPVSMTKTSVDCTMYICGDSTECSNLLLQYGSFCTQLNRALTGIAVEQDKNTQEVFAQVKQIYKTPPIKDFGGF
NFSQILPDPSKPSKRSFIEDLLFNKVTLADAGFIKQYGDCLGDIAARDLICAQKFNGLTVLPPLLTDEMIAQYTSALLAG
TITSGWTFGAGAALQIPFAMQMAYRFNGIGVTQNVLYENQKLIANQFNSAIGKIQDSLSSTASALGKLQDVVNQNAQALN
TLVKQLSSNFGAISSVLNDILSRLDKVEAEVQIDRLITGRLQSLQTYVTQQLIRAAEIRASANLAATKMSECVLGQSKRV
DFCGKGYHLMSFPQSAPHGVVFLHVTYVPAQEKNFTTAPAICHDGKAHFPREGVFVSNGTHWFVTQRNFYEPQIITTDNT
FVSGNCDVVIGIVNNTVYDPLQPELDSFKEELDKYFKNHTSPDVDLGDISGINASVVNIQKEIDRLNEVAKNLNESLIDL
QELGKYEQYIKWPWYIWLGFIAGLIAIVMVTIMLCCMTSCCSCLKGCCSCGSCCKFDEDDSEPVLKGVKLHYT
;
A
2 'polypeptide(L)'
;EVQLVESGGGLVQPGRSLRLSCAASGFTFDESAMHWVRQAPGEGLEWVSGISWNSGRIAYADSVRGRFTISRDNAKNSLY
LQMNSLRAEDTALYFCALTTSGWFSFDYWGQGTLVTVSSASTKGPSVFPLAPSSKSTSGGTAALGCLVKDYFPEPVTVSW
NSGALTSGVHTFPAVLQSSGLYSLSSVVTVPSSSLGTQTYICNVNHKPSNTKVDKRVEP
;
H
3 'polypeptide(L)'
;SYVLTQPPSVSVAPGKTARITCGGNNIGSKSVHWYQQKPGQAPVPVIYYDSDRPSGIPERFSGSNSGNTATLTISRVEVG
DEADYYCQVWDSSSDRAVFGGGTTLTVLGQPKAAPSVTLFPPSSEELQANKATLVCLISDFYPGAVTVAWKADSSPVKAG
VETTTPSKQSNNKYAASSYLSLTPEQWKSHRSYSCQVTHEGSTVEKTVAPTECS
;
L
4 'polypeptide(L)'
;EVQLLESGGGLVQPGGSLRLSCAASGFTFSSYAMSWVRQAPGKGLEWVSAIVGSGGSTYYADSVKGRFIISRDNSKNTLY
LQMNSLRAEDTAVYYCAKSLIYGHYDILTGAYYFDYWGQGTLVTVSSASTKGPSVFPLAPSSKSTSGGTAALGCLVKDYF
PEPVTVSWNSGALTSGVHTFPAVLQSSGLYSLSSVVTVPSSSLGTQTYICNVNHKPSNTKVDKKVEP
;
C
5 'polypeptide(L)'
;AQMTQSPSSVSASVGDRVTIPCRASQGIGNWLAWYQQKPGKAPKLLIYAASSLQSGVPSRFSGSGSGTDFTLTISSLQPE
DFATYYCQQANSFPPFGQGTRLEIKRTVAAPSVFIFPPSDEQLKSGTASVVCLLNNFYPREAKVQWKVDNALQSGNSQES
VTEQDSKDSTYSLSSTLTLSKADYEKHKVYACEVTHQGLSSPVTK
;
B
#
# COMPACT_ATOMS: atom_id res chain seq x y z
N THR A 333 -6.24 25.99 -37.10
CA THR A 333 -4.95 26.34 -36.52
C THR A 333 -5.05 26.44 -35.01
N ASN A 334 -6.22 26.11 -34.47
CA ASN A 334 -6.48 26.18 -33.04
C ASN A 334 -6.22 24.82 -32.36
N LEU A 335 -6.07 24.87 -31.05
CA LEU A 335 -5.84 23.66 -30.27
C LEU A 335 -7.16 23.07 -29.78
N CYS A 336 -7.44 21.86 -30.22
CA CYS A 336 -8.70 21.21 -29.85
C CYS A 336 -8.58 20.57 -28.48
N PRO A 337 -9.70 20.32 -27.78
CA PRO A 337 -9.64 20.04 -26.34
C PRO A 337 -9.15 18.65 -25.94
N PHE A 338 -7.84 18.45 -25.84
CA PHE A 338 -7.32 17.34 -25.05
C PHE A 338 -7.49 17.55 -23.56
N GLY A 339 -7.79 18.78 -23.12
CA GLY A 339 -8.07 19.03 -21.72
C GLY A 339 -9.45 18.60 -21.27
N GLU A 340 -10.42 18.59 -22.17
CA GLU A 340 -11.77 18.15 -21.84
C GLU A 340 -11.94 16.64 -21.92
N VAL A 341 -10.90 15.90 -22.32
CA VAL A 341 -10.93 14.44 -22.28
C VAL A 341 -10.00 13.86 -21.22
N PHE A 342 -8.96 14.60 -20.83
CA PHE A 342 -8.03 14.16 -19.81
C PHE A 342 -8.30 14.80 -18.45
N ASN A 343 -8.68 16.09 -18.44
CA ASN A 343 -8.92 16.82 -17.21
C ASN A 343 -10.40 17.05 -16.94
N ALA A 344 -11.28 16.23 -17.52
CA ALA A 344 -12.70 16.33 -17.23
C ALA A 344 -12.95 15.96 -15.78
N THR A 345 -13.90 16.67 -15.15
CA THR A 345 -14.15 16.48 -13.73
C THR A 345 -14.68 15.08 -13.42
N ARG A 346 -15.64 14.59 -14.20
CA ARG A 346 -16.25 13.29 -13.94
C ARG A 346 -16.18 12.42 -15.18
N PHE A 347 -15.75 11.17 -14.99
CA PHE A 347 -15.61 10.20 -16.07
C PHE A 347 -16.80 9.23 -16.06
N ALA A 348 -17.04 8.63 -17.21
CA ALA A 348 -18.14 7.71 -17.37
C ALA A 348 -17.76 6.31 -16.92
N SER A 349 -18.78 5.48 -16.70
CA SER A 349 -18.54 4.09 -16.33
C SER A 349 -18.02 3.31 -17.54
N VAL A 350 -17.44 2.14 -17.26
CA VAL A 350 -16.83 1.35 -18.32
C VAL A 350 -17.89 0.80 -19.27
N TYR A 351 -19.05 0.40 -18.76
CA TYR A 351 -20.09 -0.14 -19.64
C TYR A 351 -20.78 0.95 -20.44
N ALA A 352 -20.53 2.22 -20.10
CA ALA A 352 -21.07 3.34 -20.84
C ALA A 352 -19.96 4.33 -21.18
N TRP A 353 -18.86 3.81 -21.73
CA TRP A 353 -17.66 4.62 -21.97
C TRP A 353 -17.99 5.83 -22.84
N ASN A 354 -17.43 6.98 -22.48
CA ASN A 354 -17.70 8.20 -23.22
C ASN A 354 -16.83 8.27 -24.47
N ARG A 355 -17.42 8.75 -25.56
CA ARG A 355 -16.72 8.89 -26.84
C ARG A 355 -16.83 10.33 -27.33
N LYS A 356 -15.71 10.92 -27.72
CA LYS A 356 -15.66 12.27 -28.25
C LYS A 356 -14.94 12.25 -29.59
N ARG A 357 -15.46 13.00 -30.56
CA ARG A 357 -14.86 13.05 -31.88
C ARG A 357 -13.99 14.30 -32.01
N ILE A 358 -12.75 14.12 -32.46
CA ILE A 358 -11.78 15.19 -32.55
C ILE A 358 -11.42 15.39 -34.03
N SER A 359 -11.62 16.62 -34.51
CA SER A 359 -11.42 16.96 -35.91
C SER A 359 -10.93 18.40 -36.03
N ASN A 360 -10.31 18.70 -37.17
CA ASN A 360 -9.87 20.05 -37.51
C ASN A 360 -8.90 20.58 -36.46
N CYS A 361 -7.74 19.93 -36.36
CA CYS A 361 -6.83 20.19 -35.26
C CYS A 361 -5.42 20.41 -35.77
N VAL A 362 -4.65 21.15 -34.97
CA VAL A 362 -3.21 21.00 -34.89
C VAL A 362 -2.92 20.46 -33.48
N ALA A 363 -2.21 19.34 -33.41
CA ALA A 363 -2.11 18.57 -32.19
C ALA A 363 -0.65 18.39 -31.80
N ASP A 364 -0.33 18.69 -30.55
CA ASP A 364 1.02 18.59 -30.02
C ASP A 364 0.99 17.47 -28.98
N TYR A 365 1.42 16.27 -29.38
CA TYR A 365 1.45 15.14 -28.47
C TYR A 365 2.70 15.11 -27.60
N SER A 366 3.64 16.02 -27.80
CA SER A 366 4.86 16.02 -27.00
C SER A 366 4.55 16.27 -25.53
N VAL A 367 3.66 17.22 -25.23
CA VAL A 367 3.28 17.46 -23.84
C VAL A 367 2.54 16.26 -23.28
N LEU A 368 1.74 15.58 -24.09
CA LEU A 368 1.05 14.38 -23.64
C LEU A 368 2.04 13.29 -23.24
N TYR A 369 3.08 13.11 -24.04
CA TYR A 369 4.06 12.07 -23.74
C TYR A 369 4.96 12.45 -22.58
N ASN A 370 5.26 13.74 -22.43
CA ASN A 370 6.18 14.23 -21.41
C ASN A 370 5.46 14.70 -20.15
N SER A 371 4.16 14.45 -20.04
CA SER A 371 3.43 14.78 -18.82
C SER A 371 4.01 14.12 -17.57
N ALA A 372 4.63 12.95 -17.71
CA ALA A 372 5.30 12.26 -16.62
C ALA A 372 4.35 12.01 -15.44
N SER A 373 3.09 11.71 -15.77
CA SER A 373 2.09 11.41 -14.76
C SER A 373 1.27 10.17 -15.06
N PHE A 374 1.35 9.61 -16.27
CA PHE A 374 0.56 8.46 -16.65
C PHE A 374 1.26 7.17 -16.26
N SER A 375 0.55 6.32 -15.53
CA SER A 375 1.08 5.02 -15.15
C SER A 375 1.19 4.06 -16.32
N THR A 376 0.50 4.32 -17.42
CA THR A 376 0.54 3.48 -18.60
C THR A 376 0.35 4.33 -19.85
N PHE A 377 1.28 4.21 -20.79
CA PHE A 377 1.19 4.92 -22.06
C PHE A 377 1.75 4.02 -23.15
N LYS A 378 0.89 3.30 -23.86
CA LYS A 378 1.35 2.30 -24.83
C LYS A 378 0.47 2.32 -26.06
N CYS A 379 1.06 2.09 -27.23
CA CYS A 379 0.26 1.89 -28.42
C CYS A 379 0.98 1.15 -29.54
N TYR A 380 0.19 0.83 -30.57
CA TYR A 380 0.47 -0.25 -31.50
C TYR A 380 0.45 0.33 -32.91
N GLY A 381 1.47 0.02 -33.70
CA GLY A 381 1.58 0.59 -35.02
C GLY A 381 2.51 1.78 -35.05
N VAL A 382 1.93 2.98 -35.00
CA VAL A 382 2.73 4.21 -35.02
C VAL A 382 3.61 4.26 -33.78
N SER A 383 4.86 4.68 -33.98
CA SER A 383 5.78 4.80 -32.86
C SER A 383 5.34 5.92 -31.93
N PRO A 384 5.57 5.80 -30.62
CA PRO A 384 5.12 6.84 -29.68
C PRO A 384 5.83 8.16 -29.84
N THR A 385 6.81 8.23 -30.74
CA THR A 385 7.58 9.44 -30.97
C THR A 385 7.07 10.18 -32.21
N LYS A 386 6.39 9.47 -33.11
CA LYS A 386 6.04 10.03 -34.40
C LYS A 386 4.56 10.36 -34.56
N LEU A 387 3.79 10.51 -33.47
CA LEU A 387 2.38 10.86 -33.61
C LEU A 387 2.20 12.24 -34.22
N ASN A 388 3.01 13.22 -33.81
CA ASN A 388 2.82 14.59 -34.28
C ASN A 388 3.17 14.72 -35.76
N ASP A 389 4.21 14.02 -36.22
CA ASP A 389 4.66 14.15 -37.61
C ASP A 389 3.98 13.11 -38.51
N LEU A 390 2.66 13.02 -38.36
CA LEU A 390 1.84 12.14 -39.17
C LEU A 390 0.42 12.66 -39.13
N CYS A 391 -0.27 12.56 -40.27
CA CYS A 391 -1.57 13.21 -40.44
C CYS A 391 -2.67 12.17 -40.51
N PHE A 392 -3.80 12.50 -39.88
CA PHE A 392 -4.95 11.61 -39.80
C PHE A 392 -6.20 12.38 -40.18
N THR A 393 -7.22 11.65 -40.66
CA THR A 393 -8.48 12.28 -41.00
C THR A 393 -9.18 12.81 -39.76
N ASN A 394 -9.34 11.97 -38.74
CA ASN A 394 -9.89 12.39 -37.46
C ASN A 394 -9.65 11.34 -36.38
N VAL A 395 -9.84 11.75 -35.14
CA VAL A 395 -9.50 10.95 -33.96
C VAL A 395 -10.77 10.72 -33.15
N TYR A 396 -10.83 9.59 -32.46
CA TYR A 396 -11.88 9.31 -31.50
C TYR A 396 -11.25 9.06 -30.13
N ALA A 397 -11.75 9.74 -29.11
CA ALA A 397 -11.22 9.63 -27.76
C ALA A 397 -12.29 8.99 -26.88
N ASP A 398 -12.01 7.79 -26.39
CA ASP A 398 -12.89 7.11 -25.45
C ASP A 398 -12.31 7.22 -24.04
N SER A 399 -13.19 7.42 -23.06
CA SER A 399 -12.76 7.59 -21.69
C SER A 399 -13.66 6.79 -20.76
N PHE A 400 -13.06 6.21 -19.74
CA PHE A 400 -13.82 5.48 -18.72
C PHE A 400 -12.92 5.26 -17.50
N VAL A 401 -13.48 4.59 -16.49
CA VAL A 401 -12.77 4.26 -15.26
C VAL A 401 -12.97 2.77 -14.97
N ILE A 402 -11.87 2.08 -14.70
CA ILE A 402 -11.90 0.64 -14.43
C ILE A 402 -11.06 0.37 -13.19
N ARG A 403 -10.93 -0.91 -12.85
CA ARG A 403 -10.06 -1.33 -11.77
C ARG A 403 -8.61 -1.33 -12.24
N GLY A 404 -7.68 -1.28 -11.29
CA GLY A 404 -6.27 -1.22 -11.65
C GLY A 404 -5.80 -2.48 -12.34
N ASP A 405 -5.97 -3.63 -11.69
CA ASP A 405 -5.51 -4.89 -12.26
C ASP A 405 -6.18 -5.22 -13.58
N GLU A 406 -7.32 -4.59 -13.89
CA GLU A 406 -8.02 -4.82 -15.14
C GLU A 406 -7.52 -3.96 -16.29
N VAL A 407 -6.61 -3.01 -16.02
CA VAL A 407 -6.08 -2.16 -17.09
C VAL A 407 -5.37 -3.00 -18.15
N ARG A 408 -4.85 -4.17 -17.75
CA ARG A 408 -4.20 -5.07 -18.70
C ARG A 408 -5.14 -5.54 -19.79
N GLN A 409 -6.45 -5.52 -19.55
CA GLN A 409 -7.41 -6.05 -20.53
C GLN A 409 -7.71 -5.07 -21.66
N ILE A 410 -7.20 -3.84 -21.58
CA ILE A 410 -7.42 -2.86 -22.66
C ILE A 410 -6.31 -3.02 -23.68
N ALA A 411 -6.48 -3.97 -24.60
CA ALA A 411 -5.51 -4.26 -25.63
C ALA A 411 -6.16 -5.16 -26.67
N PRO A 412 -5.73 -5.11 -27.93
CA PRO A 412 -6.33 -5.98 -28.94
C PRO A 412 -6.11 -7.45 -28.62
N GLY A 413 -7.13 -8.26 -28.89
CA GLY A 413 -7.04 -9.69 -28.70
C GLY A 413 -7.10 -10.16 -27.26
N GLN A 414 -7.64 -9.33 -26.37
CA GLN A 414 -7.76 -9.69 -24.97
C GLN A 414 -9.08 -10.40 -24.69
N THR A 415 -9.11 -11.09 -23.55
CA THR A 415 -10.31 -11.71 -23.02
C THR A 415 -10.45 -11.36 -21.54
N GLY A 416 -11.65 -11.56 -21.01
CA GLY A 416 -11.96 -11.22 -19.63
C GLY A 416 -13.29 -10.50 -19.51
N LYS A 417 -13.46 -9.86 -18.36
CA LYS A 417 -14.67 -9.07 -18.13
C LYS A 417 -14.77 -7.91 -19.11
N ILE A 418 -13.82 -6.98 -19.04
CA ILE A 418 -13.89 -5.77 -19.84
C ILE A 418 -13.75 -6.09 -21.33
N ALA A 419 -12.81 -6.99 -21.67
CA ALA A 419 -12.50 -7.23 -23.06
C ALA A 419 -13.63 -7.95 -23.77
N ASP A 420 -14.49 -8.65 -23.03
CA ASP A 420 -15.56 -9.41 -23.67
C ASP A 420 -16.91 -8.72 -23.54
N TYR A 421 -17.28 -8.31 -22.32
CA TYR A 421 -18.62 -7.81 -22.05
C TYR A 421 -18.72 -6.29 -21.98
N ASN A 422 -17.62 -5.57 -21.81
CA ASN A 422 -17.71 -4.13 -21.55
C ASN A 422 -17.13 -3.30 -22.68
N TYR A 423 -15.86 -3.53 -23.03
CA TYR A 423 -15.19 -2.70 -24.03
C TYR A 423 -14.19 -3.58 -24.77
N LYS A 424 -14.42 -3.78 -26.07
CA LYS A 424 -13.59 -4.65 -26.89
C LYS A 424 -12.95 -3.83 -28.00
N LEU A 425 -11.65 -4.03 -28.19
CA LEU A 425 -10.84 -3.37 -29.22
C LEU A 425 -10.60 -4.32 -30.39
N PRO A 426 -10.57 -3.80 -31.62
CA PRO A 426 -10.30 -4.66 -32.77
C PRO A 426 -8.85 -5.11 -32.81
N ASP A 427 -8.60 -6.18 -33.56
CA ASP A 427 -7.26 -6.74 -33.64
C ASP A 427 -6.29 -5.76 -34.28
N ASP A 428 -6.73 -5.07 -35.33
CA ASP A 428 -5.87 -4.11 -36.03
C ASP A 428 -6.01 -2.72 -35.44
N PHE A 429 -5.75 -2.59 -34.14
CA PHE A 429 -5.90 -1.32 -33.46
C PHE A 429 -4.74 -0.39 -33.82
N THR A 430 -4.99 0.92 -33.76
CA THR A 430 -4.02 1.92 -34.19
C THR A 430 -3.72 2.99 -33.15
N GLY A 431 -4.71 3.42 -32.38
CA GLY A 431 -4.55 4.51 -31.43
C GLY A 431 -3.68 4.14 -30.24
N CYS A 432 -3.66 5.02 -29.25
CA CYS A 432 -2.84 4.83 -28.06
C CYS A 432 -3.69 4.76 -26.80
N VAL A 433 -3.26 3.92 -25.87
CA VAL A 433 -3.96 3.67 -24.62
C VAL A 433 -3.17 4.34 -23.50
N ILE A 434 -3.87 5.14 -22.70
CA ILE A 434 -3.28 5.89 -21.59
C ILE A 434 -4.09 5.59 -20.35
N ALA A 435 -3.41 5.37 -19.23
CA ALA A 435 -4.10 5.04 -17.99
C ALA A 435 -3.32 5.61 -16.82
N TRP A 436 -4.06 6.22 -15.89
CA TRP A 436 -3.42 6.78 -14.70
C TRP A 436 -4.31 6.56 -13.49
N ASN A 437 -3.66 6.44 -12.33
CA ASN A 437 -4.35 6.21 -11.07
C ASN A 437 -5.16 7.45 -10.68
N SER A 438 -6.36 7.23 -10.16
CA SER A 438 -7.22 8.29 -9.68
C SER A 438 -7.82 7.96 -8.32
N ASN A 439 -6.99 7.47 -7.39
CA ASN A 439 -7.48 7.12 -6.07
C ASN A 439 -7.99 8.34 -5.32
N ASN A 440 -7.30 9.48 -5.45
CA ASN A 440 -7.65 10.67 -4.68
C ASN A 440 -8.97 11.29 -5.13
N LEU A 441 -9.52 10.86 -6.26
CA LEU A 441 -10.71 11.49 -6.83
C LEU A 441 -11.92 10.57 -6.91
N ASP A 442 -11.72 9.25 -6.91
CA ASP A 442 -12.83 8.35 -7.17
C ASP A 442 -13.05 7.34 -6.04
N SER A 443 -12.30 7.48 -4.95
CA SER A 443 -12.40 6.53 -3.85
C SER A 443 -12.70 7.28 -2.56
N LYS A 444 -13.59 6.72 -1.75
CA LYS A 444 -14.00 7.33 -0.49
C LYS A 444 -14.06 6.27 0.59
N VAL A 445 -13.92 6.70 1.84
CA VAL A 445 -13.95 5.80 2.98
C VAL A 445 -15.37 5.28 3.18
N GLY A 446 -15.57 3.99 2.94
CA GLY A 446 -16.88 3.39 3.07
C GLY A 446 -17.34 2.69 1.81
N GLY A 447 -16.85 3.14 0.66
CA GLY A 447 -17.18 2.52 -0.60
C GLY A 447 -17.80 3.46 -1.61
N ASN A 448 -17.14 3.61 -2.76
CA ASN A 448 -17.69 4.38 -3.87
C ASN A 448 -18.38 3.44 -4.85
N TYR A 449 -19.70 3.49 -4.93
CA TYR A 449 -20.48 2.56 -5.72
C TYR A 449 -21.08 3.20 -6.98
N ASN A 450 -20.61 4.39 -7.36
CA ASN A 450 -21.23 5.08 -8.49
C ASN A 450 -20.81 4.47 -9.83
N TYR A 451 -19.67 3.78 -9.86
CA TYR A 451 -19.19 3.15 -11.08
C TYR A 451 -19.64 1.70 -11.15
N LEU A 452 -20.21 1.32 -12.30
CA LEU A 452 -20.75 -0.01 -12.53
C LEU A 452 -19.95 -0.68 -13.63
N TYR A 453 -20.16 -1.99 -13.78
CA TYR A 453 -19.60 -2.73 -14.90
C TYR A 453 -20.47 -3.94 -15.17
N ARG A 454 -20.57 -4.31 -16.45
CA ARG A 454 -21.39 -5.44 -16.84
C ARG A 454 -20.71 -6.74 -16.43
N LEU A 455 -21.49 -7.68 -15.92
CA LEU A 455 -20.98 -8.95 -15.43
C LEU A 455 -21.54 -10.16 -16.14
N PHE A 456 -22.81 -10.13 -16.55
CA PHE A 456 -23.48 -11.27 -17.18
C PHE A 456 -23.96 -10.84 -18.55
N ARG A 457 -23.69 -11.66 -19.56
CA ARG A 457 -24.15 -11.40 -20.92
C ARG A 457 -24.16 -12.70 -21.70
N LYS A 458 -25.09 -12.81 -22.64
CA LYS A 458 -25.23 -14.02 -23.45
C LYS A 458 -24.03 -14.28 -24.36
N SER A 459 -23.48 -13.25 -24.99
CA SER A 459 -22.39 -13.41 -25.95
C SER A 459 -21.35 -12.33 -25.70
N ASN A 460 -20.42 -12.20 -26.64
CA ASN A 460 -19.35 -11.23 -26.57
C ASN A 460 -19.63 -10.05 -27.49
N LEU A 461 -19.16 -8.88 -27.08
CA LEU A 461 -19.34 -7.68 -27.90
C LEU A 461 -18.48 -7.74 -29.16
N LYS A 462 -18.99 -7.13 -30.22
CA LYS A 462 -18.16 -6.83 -31.38
C LYS A 462 -17.23 -5.67 -31.03
N PRO A 463 -16.14 -5.49 -31.78
CA PRO A 463 -15.24 -4.37 -31.49
C PRO A 463 -15.97 -3.03 -31.55
N PHE A 464 -15.65 -2.16 -30.59
CA PHE A 464 -16.25 -0.84 -30.44
C PHE A 464 -17.78 -0.91 -30.34
N GLU A 465 -18.30 -1.80 -29.51
CA GLU A 465 -19.74 -1.89 -29.30
C GLU A 465 -20.11 -1.53 -27.86
N ARG A 466 -21.12 -0.69 -27.72
CA ARG A 466 -21.58 -0.22 -26.42
C ARG A 466 -22.97 -0.77 -26.16
N ASP A 467 -23.15 -1.40 -24.99
CA ASP A 467 -24.43 -1.95 -24.57
C ASP A 467 -24.79 -1.37 -23.22
N ILE A 468 -25.92 -0.64 -23.17
CA ILE A 468 -26.38 -0.01 -21.95
C ILE A 468 -27.75 -0.55 -21.53
N SER A 469 -28.19 -1.66 -22.12
CA SER A 469 -29.47 -2.25 -21.77
C SER A 469 -29.39 -2.87 -20.38
N THR A 470 -30.50 -2.76 -19.64
CA THR A 470 -30.57 -3.27 -18.27
C THR A 470 -31.62 -4.37 -18.12
N GLU A 471 -31.92 -5.09 -19.20
CA GLU A 471 -32.86 -6.21 -19.12
C GLU A 471 -32.29 -7.31 -18.23
N ILE A 472 -33.17 -8.00 -17.51
CA ILE A 472 -32.78 -9.02 -16.55
C ILE A 472 -32.07 -10.16 -17.29
N TYR A 473 -31.09 -10.78 -16.64
CA TYR A 473 -30.36 -11.88 -17.26
C TYR A 473 -30.93 -13.21 -16.79
N GLN A 474 -31.23 -14.09 -17.74
CA GLN A 474 -31.81 -15.40 -17.47
C GLN A 474 -30.74 -16.46 -17.65
N ALA A 475 -30.31 -17.07 -16.56
CA ALA A 475 -29.30 -18.12 -16.59
C ALA A 475 -29.91 -19.50 -16.77
N GLY A 476 -30.94 -19.81 -16.00
CA GLY A 476 -31.62 -21.09 -16.08
C GLY A 476 -32.67 -21.12 -17.17
N SER A 477 -33.47 -22.20 -17.15
CA SER A 477 -34.53 -22.36 -18.13
C SER A 477 -35.81 -21.65 -17.73
N THR A 478 -35.86 -21.11 -16.51
CA THR A 478 -37.05 -20.42 -16.04
C THR A 478 -37.16 -19.04 -16.68
N PRO A 479 -38.25 -18.75 -17.39
CA PRO A 479 -38.40 -17.43 -18.02
C PRO A 479 -38.87 -16.37 -17.04
N CYS A 480 -37.99 -15.95 -16.14
CA CYS A 480 -38.34 -14.92 -15.18
C CYS A 480 -38.64 -13.60 -15.87
N ASN A 481 -39.74 -12.98 -15.48
CA ASN A 481 -40.25 -11.78 -16.13
C ASN A 481 -39.77 -10.55 -15.36
N GLY A 482 -38.49 -10.23 -15.49
CA GLY A 482 -37.92 -9.05 -14.88
C GLY A 482 -37.79 -9.11 -13.37
N VAL A 483 -37.85 -10.29 -12.76
CA VAL A 483 -37.74 -10.42 -11.32
C VAL A 483 -36.34 -10.85 -10.94
N GLU A 484 -35.71 -10.13 -10.02
CA GLU A 484 -34.39 -10.48 -9.54
C GLU A 484 -34.49 -11.54 -8.45
N GLY A 485 -33.80 -12.66 -8.63
CA GLY A 485 -33.88 -13.74 -7.67
C GLY A 485 -33.22 -15.02 -8.13
N PHE A 486 -33.95 -16.13 -8.01
CA PHE A 486 -33.41 -17.45 -8.32
C PHE A 486 -33.02 -17.54 -9.79
N ASN A 487 -31.73 -17.71 -10.05
CA ASN A 487 -31.19 -17.93 -11.41
C ASN A 487 -31.51 -16.77 -12.34
N CYS A 488 -31.70 -15.58 -11.76
CA CYS A 488 -31.90 -14.37 -12.54
C CYS A 488 -31.20 -13.22 -11.82
N TYR A 489 -30.17 -12.66 -12.44
CA TYR A 489 -29.34 -11.65 -11.80
C TYR A 489 -29.39 -10.36 -12.61
N PHE A 490 -29.19 -9.24 -11.94
CA PHE A 490 -29.05 -7.96 -12.59
C PHE A 490 -27.68 -7.89 -13.27
N PRO A 491 -27.60 -7.72 -14.60
CA PRO A 491 -26.31 -7.81 -15.29
C PRO A 491 -25.26 -6.82 -14.79
N LEU A 492 -25.68 -5.62 -14.42
CA LEU A 492 -24.73 -4.62 -13.95
C LEU A 492 -24.37 -4.86 -12.49
N GLN A 493 -23.08 -4.71 -12.18
CA GLN A 493 -22.58 -4.89 -10.83
C GLN A 493 -21.71 -3.71 -10.44
N SER A 494 -21.87 -3.24 -9.20
CA SER A 494 -21.05 -2.16 -8.70
C SER A 494 -19.78 -2.70 -8.07
N TYR A 495 -18.76 -1.86 -7.98
CA TYR A 495 -17.51 -2.22 -7.32
C TYR A 495 -17.19 -1.18 -6.25
N GLY A 496 -16.69 -1.64 -5.12
CA GLY A 496 -16.36 -0.75 -4.02
C GLY A 496 -14.94 -0.22 -4.07
N PHE A 497 -14.80 1.10 -4.10
CA PHE A 497 -13.51 1.76 -4.17
C PHE A 497 -13.16 2.23 -2.76
N GLN A 498 -12.08 1.68 -2.21
CA GLN A 498 -11.61 2.00 -0.87
C GLN A 498 -10.24 2.67 -0.95
N PRO A 499 -9.94 3.58 -0.03
CA PRO A 499 -8.56 4.07 0.09
C PRO A 499 -7.59 3.03 0.62
N THR A 500 -8.10 1.95 1.22
CA THR A 500 -7.26 0.90 1.78
C THR A 500 -7.06 -0.29 0.85
N ASN A 501 -7.62 -0.24 -0.35
CA ASN A 501 -7.43 -1.33 -1.31
C ASN A 501 -5.98 -1.39 -1.78
N GLY A 502 -5.63 -2.51 -2.39
CA GLY A 502 -4.33 -2.64 -2.99
C GLY A 502 -4.20 -1.81 -4.26
N VAL A 503 -2.94 -1.63 -4.69
CA VAL A 503 -2.68 -0.80 -5.86
C VAL A 503 -3.35 -1.38 -7.09
N GLY A 504 -3.48 -2.70 -7.16
CA GLY A 504 -4.20 -3.32 -8.26
C GLY A 504 -5.71 -3.34 -8.10
N TYR A 505 -6.22 -2.85 -6.97
CA TYR A 505 -7.64 -2.85 -6.69
C TYR A 505 -8.23 -1.45 -6.77
N GLN A 506 -7.39 -0.41 -6.80
CA GLN A 506 -7.74 0.99 -6.81
C GLN A 506 -8.21 1.43 -8.19
N PRO A 507 -9.07 2.45 -8.27
CA PRO A 507 -9.58 2.89 -9.57
C PRO A 507 -8.50 3.49 -10.45
N TYR A 508 -8.66 3.29 -11.76
CA TYR A 508 -7.75 3.83 -12.76
C TYR A 508 -8.57 4.44 -13.88
N ARG A 509 -8.21 5.65 -14.30
CA ARG A 509 -8.87 6.29 -15.42
C ARG A 509 -8.12 5.97 -16.71
N VAL A 510 -8.88 5.59 -17.74
CA VAL A 510 -8.33 5.12 -19.00
C VAL A 510 -8.89 5.97 -20.14
N VAL A 511 -7.99 6.42 -21.01
CA VAL A 511 -8.35 7.16 -22.23
C VAL A 511 -7.69 6.45 -23.41
N VAL A 512 -8.49 6.17 -24.44
CA VAL A 512 -8.05 5.45 -25.62
C VAL A 512 -8.26 6.35 -26.83
N LEU A 513 -7.21 6.55 -27.62
CA LEU A 513 -7.26 7.36 -28.83
C LEU A 513 -7.21 6.43 -30.04
N SER A 514 -8.08 6.68 -31.01
CA SER A 514 -8.12 5.92 -32.24
C SER A 514 -8.09 6.88 -33.43
N PHE A 515 -7.04 6.80 -34.23
CA PHE A 515 -6.90 7.63 -35.42
C PHE A 515 -7.40 6.84 -36.62
N GLU A 516 -8.24 7.45 -37.44
CA GLU A 516 -8.76 6.72 -38.59
C GLU A 516 -8.47 7.47 -39.88
N LEU A 517 -8.38 6.72 -40.98
CA LEU A 517 -8.03 7.27 -42.28
C LEU A 517 -9.08 6.87 -43.29
N LEU A 518 -9.59 7.85 -44.05
CA LEU A 518 -10.55 7.61 -45.11
C LEU A 518 -10.24 8.50 -46.31
N HIS A 519 -11.18 8.63 -47.24
CA HIS A 519 -11.05 9.54 -48.38
C HIS A 519 -11.35 10.96 -47.91
N ALA A 520 -10.45 11.48 -47.10
CA ALA A 520 -10.61 12.80 -46.47
C ALA A 520 -9.29 13.54 -46.56
N PRO A 521 -9.31 14.88 -46.47
CA PRO A 521 -8.06 15.63 -46.63
C PRO A 521 -7.14 15.62 -45.41
N ALA A 522 -7.42 14.72 -44.44
CA ALA A 522 -6.57 14.54 -43.28
C ALA A 522 -6.38 15.83 -42.50
N THR A 523 -7.46 16.35 -41.92
CA THR A 523 -7.41 17.66 -41.28
C THR A 523 -6.70 17.62 -39.94
N VAL A 524 -6.59 16.43 -39.34
CA VAL A 524 -6.09 16.33 -37.97
C VAL A 524 -4.61 15.98 -38.00
N CYS A 525 -3.75 16.97 -37.81
CA CYS A 525 -2.31 16.80 -37.58
C CYS A 525 -1.64 18.15 -37.35
N GLY A 526 -0.36 18.08 -37.01
CA GLY A 526 0.42 19.27 -36.73
C GLY A 526 1.48 19.06 -35.66
N GLU B 1 -3.01 -18.96 -0.76
CA GLU B 1 -1.87 -19.05 -1.66
C GLU B 1 -2.23 -19.85 -2.92
N VAL B 2 -1.81 -19.34 -4.07
CA VAL B 2 -2.06 -20.04 -5.32
C VAL B 2 -1.22 -21.30 -5.37
N GLN B 3 -1.86 -22.42 -5.71
CA GLN B 3 -1.17 -23.71 -5.73
C GLN B 3 -1.80 -24.56 -6.82
N LEU B 4 -1.03 -24.85 -7.86
CA LEU B 4 -1.50 -25.60 -9.02
C LEU B 4 -0.89 -26.99 -9.02
N VAL B 5 -1.72 -28.01 -9.24
CA VAL B 5 -1.29 -29.39 -9.21
C VAL B 5 -1.61 -30.04 -10.55
N GLU B 6 -0.68 -30.81 -11.08
CA GLU B 6 -0.87 -31.52 -12.34
C GLU B 6 -0.88 -33.02 -12.10
N SER B 7 -1.63 -33.73 -12.95
CA SER B 7 -1.71 -35.18 -12.83
C SER B 7 -2.15 -35.76 -14.16
N GLY B 8 -1.97 -37.07 -14.30
CA GLY B 8 -2.42 -37.79 -15.48
C GLY B 8 -1.35 -38.12 -16.49
N GLY B 9 -0.09 -37.84 -16.20
CA GLY B 9 0.99 -38.10 -17.13
C GLY B 9 1.71 -39.40 -16.79
N GLY B 10 2.16 -40.10 -17.83
CA GLY B 10 2.87 -41.35 -17.65
C GLY B 10 3.56 -41.84 -18.91
N LEU B 11 3.52 -43.15 -19.14
CA LEU B 11 4.12 -43.75 -20.32
C LEU B 11 3.03 -44.29 -21.23
N VAL B 12 3.08 -43.91 -22.51
CA VAL B 12 2.14 -44.39 -23.50
C VAL B 12 2.85 -44.43 -24.86
N GLN B 13 2.48 -45.43 -25.66
CA GLN B 13 3.06 -45.60 -26.98
C GLN B 13 2.30 -44.77 -28.01
N PRO B 14 2.95 -44.40 -29.12
CA PRO B 14 2.30 -43.52 -30.10
C PRO B 14 1.02 -44.13 -30.66
N GLY B 15 0.03 -43.26 -30.91
CA GLY B 15 -1.23 -43.70 -31.48
C GLY B 15 -2.42 -43.53 -30.57
N ARG B 16 -2.24 -43.80 -29.28
CA ARG B 16 -3.35 -43.75 -28.33
C ARG B 16 -3.43 -42.36 -27.69
N SER B 17 -4.28 -42.23 -26.68
CA SER B 17 -4.65 -40.94 -26.11
C SER B 17 -4.25 -40.88 -24.64
N LEU B 18 -4.24 -39.66 -24.10
CA LEU B 18 -3.95 -39.44 -22.69
C LEU B 18 -4.63 -38.16 -22.23
N ARG B 19 -5.08 -38.18 -20.97
CA ARG B 19 -5.79 -37.05 -20.40
C ARG B 19 -4.99 -36.47 -19.24
N LEU B 20 -4.72 -35.17 -19.30
CA LEU B 20 -3.99 -34.45 -18.27
C LEU B 20 -4.95 -33.55 -17.51
N SER B 21 -4.84 -33.56 -16.18
CA SER B 21 -5.72 -32.79 -15.32
C SER B 21 -4.91 -31.81 -14.50
N CYS B 22 -5.47 -30.62 -14.28
CA CYS B 22 -4.84 -29.56 -13.49
C CYS B 22 -5.86 -29.06 -12.48
N ALA B 23 -5.45 -29.01 -11.22
CA ALA B 23 -6.29 -28.60 -10.11
C ALA B 23 -5.76 -27.30 -9.52
N ALA B 24 -6.65 -26.36 -9.28
CA ALA B 24 -6.31 -25.02 -8.80
C ALA B 24 -6.95 -24.78 -7.44
N SER B 25 -6.28 -23.95 -6.63
CA SER B 25 -6.78 -23.62 -5.30
C SER B 25 -6.04 -22.39 -4.79
N GLY B 26 -6.78 -21.39 -4.32
CA GLY B 26 -6.17 -20.24 -3.71
C GLY B 26 -6.47 -18.91 -4.38
N PHE B 27 -7.31 -18.93 -5.41
CA PHE B 27 -7.64 -17.71 -6.14
C PHE B 27 -9.03 -17.87 -6.74
N THR B 28 -9.43 -16.89 -7.54
CA THR B 28 -10.72 -16.92 -8.23
C THR B 28 -10.52 -17.61 -9.57
N PHE B 29 -10.75 -18.92 -9.59
CA PHE B 29 -10.63 -19.69 -10.83
C PHE B 29 -11.69 -19.31 -11.85
N ASP B 30 -12.77 -18.67 -11.41
CA ASP B 30 -13.88 -18.33 -12.31
C ASP B 30 -13.57 -17.16 -13.23
N GLU B 31 -12.50 -16.42 -12.98
CA GLU B 31 -12.22 -15.19 -13.73
C GLU B 31 -10.83 -15.18 -14.34
N SER B 32 -10.16 -16.33 -14.40
CA SER B 32 -8.79 -16.41 -14.88
C SER B 32 -8.69 -17.41 -16.02
N ALA B 33 -7.93 -17.06 -17.05
CA ALA B 33 -7.67 -17.97 -18.15
C ALA B 33 -6.57 -18.95 -17.78
N MET B 34 -6.48 -20.03 -18.54
CA MET B 34 -5.52 -21.10 -18.26
C MET B 34 -4.74 -21.45 -19.52
N HIS B 35 -3.51 -21.93 -19.32
CA HIS B 35 -2.65 -22.32 -20.43
C HIS B 35 -1.97 -23.63 -20.13
N TRP B 36 -1.72 -24.40 -21.18
CA TRP B 36 -0.89 -25.59 -21.14
C TRP B 36 0.38 -25.29 -21.92
N VAL B 37 1.53 -25.39 -21.23
CA VAL B 37 2.84 -25.06 -21.79
C VAL B 37 3.70 -26.31 -21.77
N ARG B 38 4.62 -26.41 -22.71
CA ARG B 38 5.43 -27.61 -22.88
C ARG B 38 6.91 -27.24 -22.88
N GLN B 39 7.72 -28.07 -22.22
CA GLN B 39 9.18 -27.89 -22.22
C GLN B 39 9.83 -29.23 -22.51
N ALA B 40 10.54 -29.32 -23.63
CA ALA B 40 11.28 -30.52 -23.94
C ALA B 40 12.48 -30.67 -22.99
N PRO B 41 12.94 -31.90 -22.75
CA PRO B 41 14.10 -32.08 -21.85
C PRO B 41 15.33 -31.38 -22.38
N GLY B 42 15.81 -30.41 -21.60
CA GLY B 42 16.97 -29.64 -21.99
C GLY B 42 16.73 -28.77 -23.21
N GLU B 43 15.59 -28.09 -23.25
CA GLU B 43 15.24 -27.24 -24.37
C GLU B 43 14.38 -26.09 -23.88
N GLY B 44 14.13 -25.13 -24.76
CA GLY B 44 13.36 -23.97 -24.40
C GLY B 44 11.88 -24.27 -24.26
N LEU B 45 11.18 -23.36 -23.57
CA LEU B 45 9.76 -23.52 -23.34
C LEU B 45 8.98 -23.34 -24.65
N GLU B 46 7.88 -24.08 -24.77
CA GLU B 46 7.01 -23.99 -25.93
C GLU B 46 5.56 -23.96 -25.47
N TRP B 47 4.79 -23.04 -26.03
CA TRP B 47 3.37 -22.89 -25.69
C TRP B 47 2.54 -23.88 -26.51
N VAL B 48 1.60 -24.54 -25.84
CA VAL B 48 0.74 -25.54 -26.47
C VAL B 48 -0.68 -25.02 -26.66
N SER B 49 -1.36 -24.68 -25.58
CA SER B 49 -2.77 -24.36 -25.72
C SER B 49 -3.20 -23.35 -24.66
N GLY B 50 -4.33 -22.69 -24.92
CA GLY B 50 -4.87 -21.72 -24.00
C GLY B 50 -6.38 -21.57 -24.07
N ILE B 51 -7.02 -21.49 -22.91
CA ILE B 51 -8.47 -21.34 -22.81
C ILE B 51 -8.79 -20.11 -21.97
N SER B 52 -9.83 -19.39 -22.37
CA SER B 52 -10.19 -18.11 -21.76
C SER B 52 -10.96 -18.35 -20.47
N TRP B 53 -11.56 -17.28 -19.93
CA TRP B 53 -12.19 -17.34 -18.62
C TRP B 53 -13.57 -17.97 -18.63
N ASN B 54 -14.21 -18.12 -19.80
CA ASN B 54 -15.54 -18.71 -19.86
C ASN B 54 -15.68 -19.65 -21.04
N SER B 55 -14.57 -20.27 -21.47
CA SER B 55 -14.56 -21.19 -22.60
C SER B 55 -15.11 -20.53 -23.87
N GLY B 56 -14.91 -19.23 -24.00
CA GLY B 56 -15.38 -18.50 -25.16
C GLY B 56 -14.37 -18.51 -26.29
N ARG B 57 -13.11 -18.28 -25.95
CA ARG B 57 -12.01 -18.27 -26.92
C ARG B 57 -11.02 -19.37 -26.55
N ILE B 58 -10.64 -20.17 -27.53
CA ILE B 58 -9.71 -21.27 -27.35
C ILE B 58 -8.64 -21.19 -28.43
N ALA B 59 -7.37 -21.26 -28.03
CA ALA B 59 -6.26 -21.15 -28.97
C ALA B 59 -5.35 -22.36 -28.85
N TYR B 60 -4.90 -22.85 -30.00
CA TYR B 60 -4.00 -23.99 -30.07
C TYR B 60 -2.76 -23.61 -30.86
N ALA B 61 -1.67 -24.31 -30.58
CA ALA B 61 -0.44 -24.11 -31.34
C ALA B 61 -0.56 -24.73 -32.72
N ASP B 62 0.27 -24.25 -33.65
CA ASP B 62 0.22 -24.73 -35.02
C ASP B 62 0.61 -26.20 -35.15
N SER B 63 1.43 -26.72 -34.24
CA SER B 63 1.92 -28.09 -34.33
C SER B 63 1.05 -29.08 -33.58
N VAL B 64 -0.02 -28.62 -32.93
CA VAL B 64 -0.90 -29.50 -32.16
C VAL B 64 -2.37 -29.31 -32.52
N ARG B 65 -2.68 -28.46 -33.50
CA ARG B 65 -4.07 -28.22 -33.85
C ARG B 65 -4.69 -29.46 -34.48
N GLY B 66 -5.92 -29.77 -34.07
CA GLY B 66 -6.64 -30.92 -34.59
C GLY B 66 -6.42 -32.20 -33.81
N ARG B 67 -5.42 -32.25 -32.93
CA ARG B 67 -5.16 -33.43 -32.13
C ARG B 67 -5.37 -33.24 -30.65
N PHE B 68 -5.31 -32.00 -30.15
CA PHE B 68 -5.46 -31.70 -28.74
C PHE B 68 -6.79 -31.02 -28.48
N THR B 69 -7.29 -31.18 -27.26
CA THR B 69 -8.58 -30.58 -26.89
C THR B 69 -8.46 -30.07 -25.45
N ILE B 70 -8.57 -28.75 -25.29
CA ILE B 70 -8.52 -28.15 -23.96
C ILE B 70 -9.93 -27.83 -23.49
N SER B 71 -10.16 -28.03 -22.19
CA SER B 71 -11.46 -27.71 -21.60
C SER B 71 -11.25 -27.31 -20.14
N ARG B 72 -12.26 -26.67 -19.58
CA ARG B 72 -12.22 -26.26 -18.19
C ARG B 72 -13.58 -26.47 -17.56
N ASP B 73 -13.58 -26.67 -16.24
CA ASP B 73 -14.80 -26.85 -15.47
C ASP B 73 -14.65 -26.02 -14.20
N ASN B 74 -15.48 -24.97 -14.08
CA ASN B 74 -15.37 -24.06 -12.95
C ASN B 74 -16.05 -24.59 -11.70
N ALA B 75 -16.87 -25.63 -11.82
CA ALA B 75 -17.58 -26.16 -10.66
C ALA B 75 -16.61 -26.70 -9.63
N LYS B 76 -15.59 -27.44 -10.07
CA LYS B 76 -14.59 -28.01 -9.17
C LYS B 76 -13.20 -27.45 -9.42
N ASN B 77 -13.09 -26.37 -10.18
CA ASN B 77 -11.81 -25.71 -10.48
C ASN B 77 -10.83 -26.71 -11.12
N SER B 78 -11.19 -27.18 -12.31
CA SER B 78 -10.40 -28.19 -12.99
C SER B 78 -10.14 -27.78 -14.43
N LEU B 79 -8.97 -28.16 -14.94
CA LEU B 79 -8.58 -27.91 -16.31
C LEU B 79 -8.13 -29.22 -16.95
N TYR B 80 -8.70 -29.56 -18.10
CA TYR B 80 -8.46 -30.84 -18.75
C TYR B 80 -7.83 -30.63 -20.12
N LEU B 81 -6.89 -31.52 -20.46
CA LEU B 81 -6.29 -31.54 -21.79
C LEU B 81 -6.32 -32.97 -22.31
N GLN B 82 -6.99 -33.18 -23.44
CA GLN B 82 -7.07 -34.49 -24.08
C GLN B 82 -6.10 -34.52 -25.25
N MET B 83 -5.22 -35.51 -25.27
CA MET B 83 -4.17 -35.64 -26.27
C MET B 83 -4.43 -36.92 -27.08
N ASN B 84 -4.52 -36.77 -28.40
CA ASN B 84 -4.78 -37.89 -29.29
C ASN B 84 -3.75 -37.90 -30.40
N SER B 85 -3.44 -39.10 -30.89
CA SER B 85 -2.49 -39.31 -31.98
C SER B 85 -1.13 -38.71 -31.64
N LEU B 86 -0.62 -39.06 -30.46
CA LEU B 86 0.64 -38.50 -29.98
C LEU B 86 1.79 -39.02 -30.84
N ARG B 87 2.53 -38.10 -31.47
CA ARG B 87 3.71 -38.48 -32.23
C ARG B 87 4.88 -38.67 -31.27
N ALA B 88 6.08 -38.83 -31.82
CA ALA B 88 7.25 -39.11 -30.99
C ALA B 88 7.73 -37.86 -30.25
N GLU B 89 7.58 -36.69 -30.88
CA GLU B 89 8.15 -35.46 -30.34
C GLU B 89 7.29 -34.81 -29.26
N ASP B 90 6.35 -35.55 -28.66
CA ASP B 90 5.49 -35.01 -27.61
C ASP B 90 5.95 -35.43 -26.22
N THR B 91 7.15 -36.00 -26.10
CA THR B 91 7.73 -36.34 -24.81
C THR B 91 8.36 -35.08 -24.21
N ALA B 92 7.79 -34.60 -23.11
CA ALA B 92 8.25 -33.36 -22.50
C ALA B 92 7.56 -33.19 -21.16
N LEU B 93 7.90 -32.10 -20.47
CA LEU B 93 7.29 -31.73 -19.21
C LEU B 93 6.21 -30.68 -19.46
N TYR B 94 5.01 -30.91 -18.94
CA TYR B 94 3.88 -30.04 -19.19
C TYR B 94 3.56 -29.22 -17.96
N PHE B 95 3.40 -27.92 -18.15
CA PHE B 95 3.09 -26.96 -17.10
C PHE B 95 1.69 -26.41 -17.28
N CYS B 96 0.99 -26.28 -16.15
CA CYS B 96 -0.33 -25.66 -16.10
C CYS B 96 -0.14 -24.22 -15.63
N ALA B 97 -0.26 -23.27 -16.56
CA ALA B 97 0.06 -21.88 -16.31
C ALA B 97 -1.21 -21.06 -16.10
N LEU B 98 -1.13 -20.12 -15.15
CA LEU B 98 -2.24 -19.27 -14.77
C LEU B 98 -1.96 -17.82 -15.16
N THR B 99 -3.02 -17.10 -15.51
CA THR B 99 -2.96 -15.67 -15.74
C THR B 99 -4.06 -15.00 -14.93
N THR B 100 -3.70 -13.93 -14.20
CA THR B 100 -4.65 -13.30 -13.30
C THR B 100 -5.66 -12.45 -14.06
N SER B 101 -5.19 -11.44 -14.77
CA SER B 101 -6.03 -10.56 -15.57
C SER B 101 -5.60 -10.63 -17.01
N GLY B 102 -6.57 -10.71 -17.92
CA GLY B 102 -6.22 -10.94 -19.31
C GLY B 102 -5.78 -12.38 -19.51
N TRP B 103 -5.27 -12.65 -20.71
CA TRP B 103 -4.83 -13.98 -21.05
C TRP B 103 -3.56 -13.96 -21.89
N PHE B 104 -2.72 -12.95 -21.68
CA PHE B 104 -1.48 -12.77 -22.43
C PHE B 104 -0.28 -13.44 -21.77
N SER B 105 -0.13 -13.30 -20.46
CA SER B 105 1.05 -13.75 -19.73
C SER B 105 0.73 -15.00 -18.92
N PHE B 106 1.75 -15.50 -18.22
CA PHE B 106 1.64 -16.67 -17.34
C PHE B 106 2.10 -16.24 -15.96
N ASP B 107 1.16 -15.77 -15.14
CA ASP B 107 1.52 -15.20 -13.85
C ASP B 107 1.98 -16.27 -12.87
N TYR B 108 1.29 -17.41 -12.82
CA TYR B 108 1.63 -18.49 -11.92
C TYR B 108 1.81 -19.78 -12.69
N TRP B 109 2.82 -20.55 -12.32
CA TRP B 109 3.14 -21.81 -12.96
C TRP B 109 3.00 -22.95 -11.97
N GLY B 110 2.78 -24.16 -12.51
CA GLY B 110 2.74 -25.37 -11.73
C GLY B 110 4.06 -26.13 -11.78
N GLN B 111 4.08 -27.24 -11.07
CA GLN B 111 5.28 -28.09 -11.04
C GLN B 111 5.48 -28.88 -12.32
N GLY B 112 4.41 -29.19 -13.03
CA GLY B 112 4.53 -29.89 -14.30
C GLY B 112 4.50 -31.40 -14.12
N THR B 113 4.19 -32.08 -15.22
CA THR B 113 4.14 -33.54 -15.25
C THR B 113 4.84 -34.03 -16.51
N LEU B 114 5.64 -35.08 -16.38
CA LEU B 114 6.40 -35.59 -17.52
C LEU B 114 5.56 -36.58 -18.31
N VAL B 115 5.53 -36.42 -19.63
CA VAL B 115 4.84 -37.31 -20.54
C VAL B 115 5.85 -37.85 -21.53
N THR B 116 5.95 -39.17 -21.61
CA THR B 116 6.90 -39.85 -22.49
C THR B 116 6.15 -40.73 -23.47
N VAL B 117 6.53 -40.67 -24.74
CA VAL B 117 5.94 -41.51 -25.78
C VAL B 117 7.07 -42.24 -26.51
N SER B 118 6.96 -43.57 -26.56
CA SER B 118 7.94 -44.41 -27.23
C SER B 118 7.37 -45.81 -27.35
N SER B 119 7.95 -46.61 -28.23
CA SER B 119 7.54 -48.00 -28.42
C SER B 119 8.42 -48.88 -27.54
N ALA B 120 8.18 -48.79 -26.24
CA ALA B 120 8.93 -49.56 -25.25
C ALA B 120 7.95 -50.02 -24.17
N SER B 121 8.50 -50.57 -23.08
CA SER B 121 7.69 -51.07 -21.98
C SER B 121 8.35 -50.69 -20.66
N THR B 122 7.50 -50.47 -19.65
CA THR B 122 8.00 -50.16 -18.32
C THR B 122 8.57 -51.41 -17.65
N LYS B 123 9.51 -51.19 -16.75
CA LYS B 123 10.11 -52.28 -15.99
C LYS B 123 10.40 -51.79 -14.57
N GLY B 124 10.05 -52.61 -13.58
CA GLY B 124 10.25 -52.27 -12.20
C GLY B 124 11.70 -52.06 -11.84
N PRO B 125 11.97 -51.03 -11.04
CA PRO B 125 13.35 -50.75 -10.63
C PRO B 125 13.86 -51.79 -9.63
N SER B 126 15.18 -51.90 -9.56
CA SER B 126 15.85 -52.78 -8.60
C SER B 126 16.57 -51.89 -7.59
N VAL B 127 16.32 -52.13 -6.31
CA VAL B 127 16.88 -51.31 -5.24
C VAL B 127 17.97 -52.10 -4.54
N PHE B 128 19.15 -51.49 -4.40
CA PHE B 128 20.27 -52.15 -3.74
C PHE B 128 20.90 -51.22 -2.71
N PRO B 129 21.00 -51.62 -1.45
CA PRO B 129 21.70 -50.78 -0.47
C PRO B 129 23.20 -50.78 -0.72
N LEU B 130 23.87 -49.75 -0.20
CA LEU B 130 25.31 -49.58 -0.36
C LEU B 130 25.94 -49.54 1.03
N ALA B 131 26.87 -50.45 1.27
CA ALA B 131 27.48 -50.56 2.58
C ALA B 131 28.44 -49.40 2.83
N PRO B 132 28.25 -48.60 3.88
CA PRO B 132 29.14 -47.48 4.21
C PRO B 132 30.45 -47.95 4.82
N THR B 141 30.04 -37.78 9.02
CA THR B 141 31.34 -38.42 8.97
C THR B 141 31.35 -39.55 7.94
N ALA B 142 30.30 -40.37 7.96
CA ALA B 142 30.14 -41.48 7.04
C ALA B 142 29.02 -41.17 6.06
N ALA B 143 29.03 -41.88 4.93
CA ALA B 143 28.01 -41.71 3.90
C ALA B 143 27.47 -43.07 3.49
N LEU B 144 26.15 -43.17 3.45
CA LEU B 144 25.49 -44.42 3.06
C LEU B 144 24.30 -44.10 2.17
N GLY B 145 23.98 -45.02 1.26
CA GLY B 145 22.91 -44.74 0.33
C GLY B 145 22.34 -46.00 -0.26
N CYS B 146 21.44 -45.82 -1.22
CA CYS B 146 20.84 -46.93 -1.95
C CYS B 146 20.67 -46.56 -3.42
N LEU B 147 20.92 -47.53 -4.28
CA LEU B 147 20.96 -47.35 -5.72
C LEU B 147 19.71 -47.93 -6.37
N VAL B 148 19.18 -47.22 -7.36
CA VAL B 148 18.05 -47.65 -8.16
C VAL B 148 18.60 -48.00 -9.54
N LYS B 149 18.32 -49.22 -10.00
CA LYS B 149 18.93 -49.75 -11.21
C LYS B 149 17.86 -50.27 -12.15
N ASP B 150 18.02 -49.97 -13.44
CA ASP B 150 17.24 -50.58 -14.52
C ASP B 150 15.74 -50.33 -14.36
N TYR B 151 15.36 -49.06 -14.42
CA TYR B 151 13.97 -48.66 -14.45
C TYR B 151 13.69 -47.87 -15.72
N PHE B 152 12.42 -47.64 -15.98
CA PHE B 152 11.99 -46.87 -17.15
C PHE B 152 10.52 -46.48 -17.03
N PRO B 153 10.17 -45.22 -17.30
CA PRO B 153 10.99 -44.03 -17.51
C PRO B 153 11.08 -43.16 -16.26
N GLU B 154 11.55 -41.94 -16.40
CA GLU B 154 11.43 -40.97 -15.32
C GLU B 154 9.96 -40.75 -14.97
N PRO B 155 9.65 -40.38 -13.72
CA PRO B 155 10.61 -40.15 -12.64
C PRO B 155 10.64 -41.26 -11.60
N VAL B 156 11.60 -41.16 -10.68
CA VAL B 156 11.69 -42.03 -9.52
C VAL B 156 11.85 -41.15 -8.29
N THR B 157 10.98 -41.34 -7.30
CA THR B 157 11.01 -40.55 -6.08
C THR B 157 11.74 -41.34 -5.00
N VAL B 158 12.69 -40.69 -4.33
CA VAL B 158 13.48 -41.31 -3.27
C VAL B 158 13.28 -40.51 -2.00
N SER B 159 12.94 -41.21 -0.92
CA SER B 159 12.72 -40.60 0.38
C SER B 159 13.54 -41.34 1.43
N TRP B 160 13.88 -40.63 2.51
CA TRP B 160 14.65 -41.20 3.59
C TRP B 160 13.91 -41.03 4.92
N ASN B 161 13.91 -42.08 5.73
CA ASN B 161 13.19 -42.10 7.00
C ASN B 161 11.71 -41.76 6.80
N SER B 162 11.14 -42.30 5.72
CA SER B 162 9.74 -42.11 5.35
C SER B 162 9.35 -40.65 5.16
N GLY B 163 10.32 -39.78 4.89
CA GLY B 163 10.03 -38.38 4.67
C GLY B 163 10.34 -37.51 5.87
N ALA B 164 11.36 -37.88 6.64
CA ALA B 164 11.75 -37.15 7.83
C ALA B 164 13.09 -36.44 7.68
N LEU B 165 14.13 -37.15 7.27
CA LEU B 165 15.45 -36.55 7.16
C LEU B 165 15.50 -35.54 6.01
N THR B 166 16.12 -34.39 6.28
CA THR B 166 16.30 -33.36 5.26
C THR B 166 17.72 -32.81 5.25
N SER B 167 18.63 -33.36 6.03
CA SER B 167 20.01 -32.88 6.13
C SER B 167 20.96 -33.95 5.65
N GLY B 168 21.89 -33.57 4.77
CA GLY B 168 22.88 -34.48 4.26
C GLY B 168 22.42 -35.38 3.13
N VAL B 169 21.17 -35.23 2.68
CA VAL B 169 20.63 -36.09 1.63
C VAL B 169 20.99 -35.50 0.27
N HIS B 170 21.50 -36.34 -0.63
CA HIS B 170 21.83 -35.93 -1.98
C HIS B 170 21.36 -37.00 -2.95
N THR B 171 20.55 -36.59 -3.92
CA THR B 171 20.06 -37.47 -4.98
C THR B 171 20.67 -37.03 -6.29
N PHE B 172 21.29 -37.96 -7.00
CA PHE B 172 22.01 -37.58 -8.21
C PHE B 172 21.16 -37.82 -9.44
N PRO B 173 21.39 -37.04 -10.51
CA PRO B 173 20.63 -37.24 -11.74
C PRO B 173 20.87 -38.61 -12.33
N ALA B 174 19.84 -39.12 -13.01
CA ALA B 174 19.91 -40.45 -13.59
C ALA B 174 20.89 -40.49 -14.76
N VAL B 175 21.33 -41.69 -15.10
CA VAL B 175 22.24 -41.93 -16.21
C VAL B 175 21.56 -42.86 -17.21
N LEU B 176 21.67 -42.51 -18.49
CA LEU B 176 21.07 -43.29 -19.56
C LEU B 176 22.12 -44.27 -20.09
N GLN B 177 21.86 -45.56 -19.93
CA GLN B 177 22.83 -46.59 -20.29
C GLN B 177 22.70 -46.95 -21.77
N SER B 178 23.53 -47.88 -22.22
CA SER B 178 23.55 -48.27 -23.62
C SER B 178 22.28 -48.97 -24.06
N SER B 179 21.56 -49.60 -23.14
CA SER B 179 20.32 -50.30 -23.46
C SER B 179 19.10 -49.39 -23.35
N GLY B 180 19.29 -48.10 -23.10
CA GLY B 180 18.19 -47.18 -22.94
C GLY B 180 17.57 -47.17 -21.55
N LEU B 181 18.05 -48.01 -20.63
CA LEU B 181 17.51 -48.07 -19.29
C LEU B 181 18.17 -47.00 -18.42
N TYR B 182 17.59 -46.79 -17.24
CA TYR B 182 17.95 -45.67 -16.37
C TYR B 182 18.38 -46.17 -15.01
N SER B 183 19.29 -45.44 -14.37
CA SER B 183 19.78 -45.79 -13.05
C SER B 183 20.22 -44.52 -12.32
N LEU B 184 20.11 -44.53 -11.00
CA LEU B 184 20.55 -43.40 -10.20
C LEU B 184 20.97 -43.90 -8.82
N SER B 185 21.58 -42.99 -8.05
CA SER B 185 22.02 -43.29 -6.70
C SER B 185 21.67 -42.13 -5.77
N SER B 186 21.23 -42.46 -4.57
CA SER B 186 20.94 -41.48 -3.54
C SER B 186 21.73 -41.82 -2.28
N VAL B 187 22.30 -40.80 -1.64
CA VAL B 187 23.15 -40.98 -0.47
C VAL B 187 22.76 -39.99 0.61
N VAL B 188 23.16 -40.30 1.84
CA VAL B 188 23.01 -39.42 2.99
C VAL B 188 24.30 -39.48 3.81
N THR B 189 24.71 -38.33 4.31
CA THR B 189 25.89 -38.22 5.16
C THR B 189 25.45 -38.06 6.60
N VAL B 190 25.90 -38.98 7.46
CA VAL B 190 25.51 -39.00 8.87
C VAL B 190 26.76 -39.17 9.73
N PRO B 191 26.74 -38.72 10.98
CA PRO B 191 27.88 -38.97 11.88
C PRO B 191 28.07 -40.46 12.13
N SER B 192 29.33 -40.85 12.31
CA SER B 192 29.67 -42.25 12.53
C SER B 192 29.44 -42.70 13.97
N SER B 193 29.12 -41.78 14.88
CA SER B 193 28.87 -42.17 16.27
C SER B 193 27.64 -43.07 16.39
N SER B 194 26.58 -42.77 15.65
CA SER B 194 25.36 -43.56 15.67
C SER B 194 25.30 -44.56 14.51
N LEU B 195 26.46 -45.04 14.07
CA LEU B 195 26.50 -45.98 12.94
C LEU B 195 25.78 -47.28 13.27
N GLY B 196 26.09 -47.87 14.43
CA GLY B 196 25.52 -49.14 14.82
C GLY B 196 24.28 -49.07 15.68
N THR B 197 23.72 -47.89 15.91
CA THR B 197 22.54 -47.72 16.75
C THR B 197 21.32 -47.27 15.96
N GLN B 198 21.43 -46.16 15.24
CA GLN B 198 20.30 -45.63 14.51
C GLN B 198 20.03 -46.46 13.25
N THR B 199 18.75 -46.71 12.99
CA THR B 199 18.34 -47.44 11.80
C THR B 199 17.99 -46.48 10.68
N TYR B 200 18.42 -46.81 9.46
CA TYR B 200 18.22 -45.95 8.30
C TYR B 200 17.58 -46.77 7.19
N ILE B 201 16.47 -46.28 6.65
CA ILE B 201 15.73 -46.94 5.59
C ILE B 201 15.42 -45.92 4.50
N CYS B 202 15.59 -46.34 3.24
CA CYS B 202 15.26 -45.50 2.10
C CYS B 202 14.11 -46.13 1.33
N ASN B 203 13.20 -45.29 0.85
CA ASN B 203 12.00 -45.72 0.14
C ASN B 203 12.04 -45.18 -1.28
N VAL B 204 11.66 -46.03 -2.23
CA VAL B 204 11.59 -45.64 -3.63
C VAL B 204 10.14 -45.65 -4.09
N ASN B 205 9.88 -44.90 -5.15
CA ASN B 205 8.53 -44.81 -5.70
C ASN B 205 8.65 -44.62 -7.20
N HIS B 206 8.19 -45.61 -7.96
CA HIS B 206 8.19 -45.58 -9.42
C HIS B 206 6.73 -45.69 -9.87
N LYS B 207 6.11 -44.53 -10.13
CA LYS B 207 4.69 -44.51 -10.46
C LYS B 207 4.32 -45.30 -11.71
N PRO B 208 5.04 -45.21 -12.83
CA PRO B 208 4.64 -45.99 -14.02
C PRO B 208 4.57 -47.48 -13.77
N SER B 209 5.45 -48.03 -12.95
CA SER B 209 5.40 -49.45 -12.61
C SER B 209 4.59 -49.73 -11.35
N ASN B 210 4.12 -48.68 -10.65
CA ASN B 210 3.30 -48.82 -9.45
C ASN B 210 3.99 -49.71 -8.41
N THR B 211 5.30 -49.53 -8.25
CA THR B 211 6.09 -50.35 -7.35
C THR B 211 6.70 -49.47 -6.27
N LYS B 212 6.55 -49.89 -5.01
CA LYS B 212 7.16 -49.21 -3.87
C LYS B 212 7.97 -50.23 -3.10
N VAL B 213 9.28 -49.96 -2.95
CA VAL B 213 10.20 -50.88 -2.31
C VAL B 213 10.89 -50.17 -1.15
N ASP B 214 10.93 -50.83 0.01
CA ASP B 214 11.60 -50.34 1.19
C ASP B 214 12.86 -51.16 1.45
N LYS B 215 13.97 -50.47 1.67
CA LYS B 215 15.24 -51.13 1.94
C LYS B 215 15.94 -50.44 3.10
N ARG B 216 16.79 -51.20 3.78
CA ARG B 216 17.53 -50.72 4.94
C ARG B 216 19.02 -50.90 4.70
N VAL B 217 19.80 -49.91 5.10
CA VAL B 217 21.25 -49.91 4.89
C VAL B 217 21.93 -50.34 6.17
N GLU B 218 22.69 -51.44 6.10
CA GLU B 218 23.43 -51.93 7.25
C GLU B 218 24.63 -52.75 6.79
N PRO B 219 25.86 -52.28 7.04
CA PRO B 219 27.08 -53.02 6.69
C PRO B 219 27.36 -54.17 7.65
N TYR C 2 5.61 -15.00 -35.78
CA TYR C 2 6.50 -14.05 -35.14
C TYR C 2 7.73 -14.76 -34.59
N VAL C 3 8.90 -14.12 -34.73
CA VAL C 3 10.18 -14.70 -34.36
C VAL C 3 10.88 -13.78 -33.37
N LEU C 4 11.39 -14.36 -32.29
CA LEU C 4 12.15 -13.63 -31.28
C LEU C 4 13.59 -14.08 -31.27
N THR C 5 14.49 -13.18 -30.88
CA THR C 5 15.92 -13.43 -30.91
C THR C 5 16.53 -13.05 -29.57
N GLN C 6 17.33 -13.95 -29.01
CA GLN C 6 18.06 -13.71 -27.77
C GLN C 6 19.49 -14.19 -27.91
N PRO C 7 20.43 -13.53 -27.24
CA PRO C 7 21.82 -14.04 -27.21
C PRO C 7 21.88 -15.36 -26.49
N PRO C 8 22.66 -16.32 -26.99
CA PRO C 8 22.73 -17.64 -26.33
C PRO C 8 23.25 -17.58 -24.90
N SER C 9 24.18 -16.67 -24.60
CA SER C 9 24.75 -16.62 -23.25
C SER C 9 25.24 -15.20 -22.96
N VAL C 10 25.13 -14.82 -21.70
CA VAL C 10 25.59 -13.52 -21.22
C VAL C 10 26.35 -13.74 -19.92
N SER C 11 27.56 -13.17 -19.82
CA SER C 11 28.40 -13.27 -18.64
C SER C 11 28.76 -11.88 -18.15
N VAL C 12 28.58 -11.64 -16.86
CA VAL C 12 28.89 -10.36 -16.24
C VAL C 12 29.64 -10.60 -14.95
N ALA C 13 30.42 -9.60 -14.52
CA ALA C 13 31.12 -9.68 -13.26
C ALA C 13 30.16 -9.42 -12.10
N PRO C 14 30.46 -9.94 -10.91
CA PRO C 14 29.60 -9.68 -9.75
C PRO C 14 29.56 -8.19 -9.40
N GLY C 15 28.39 -7.75 -8.94
CA GLY C 15 28.21 -6.37 -8.53
C GLY C 15 27.88 -5.41 -9.65
N LYS C 16 27.99 -5.84 -10.91
CA LYS C 16 27.72 -4.99 -12.05
C LYS C 16 26.26 -5.14 -12.46
N THR C 17 25.90 -4.61 -13.63
CA THR C 17 24.56 -4.70 -14.18
C THR C 17 24.58 -5.57 -15.43
N ALA C 18 23.69 -6.55 -15.49
CA ALA C 18 23.59 -7.46 -16.62
C ALA C 18 22.43 -7.04 -17.51
N ARG C 19 22.66 -7.04 -18.82
CA ARG C 19 21.67 -6.60 -19.80
C ARG C 19 21.36 -7.76 -20.74
N ILE C 20 20.08 -8.10 -20.86
CA ILE C 20 19.61 -9.13 -21.77
C ILE C 20 18.69 -8.47 -22.80
N THR C 21 18.95 -8.72 -24.07
CA THR C 21 18.19 -8.12 -25.16
C THR C 21 17.34 -9.16 -25.86
N CYS C 22 16.09 -8.79 -26.14
CA CYS C 22 15.14 -9.64 -26.87
C CYS C 22 14.74 -8.86 -28.12
N GLY C 23 15.14 -9.37 -29.29
CA GLY C 23 14.85 -8.68 -30.53
C GLY C 23 13.49 -9.04 -31.10
N GLY C 24 13.17 -8.40 -32.22
CA GLY C 24 11.91 -8.66 -32.89
C GLY C 24 11.55 -7.50 -33.79
N ASN C 25 10.66 -7.79 -34.73
CA ASN C 25 10.20 -6.78 -35.68
C ASN C 25 9.03 -6.02 -35.07
N ASN C 26 9.22 -4.72 -34.83
CA ASN C 26 8.20 -3.86 -34.24
C ASN C 26 7.72 -4.42 -32.91
N ILE C 27 8.66 -4.82 -32.06
CA ILE C 27 8.33 -5.39 -30.76
C ILE C 27 7.79 -4.34 -29.80
N GLY C 28 7.95 -3.05 -30.12
CA GLY C 28 7.41 -2.00 -29.28
C GLY C 28 5.90 -1.87 -29.35
N SER C 29 5.25 -2.54 -30.30
CA SER C 29 3.81 -2.60 -30.40
C SER C 29 3.24 -3.81 -29.69
N LYS C 30 4.01 -4.46 -28.82
CA LYS C 30 3.56 -5.61 -28.06
C LYS C 30 4.17 -5.53 -26.66
N SER C 31 3.64 -6.35 -25.75
CA SER C 31 4.12 -6.41 -24.39
C SER C 31 5.04 -7.62 -24.23
N VAL C 32 6.20 -7.41 -23.62
CA VAL C 32 7.23 -8.42 -23.46
C VAL C 32 7.28 -8.84 -22.01
N HIS C 33 7.21 -10.15 -21.76
CA HIS C 33 7.25 -10.68 -20.40
C HIS C 33 8.51 -11.53 -20.22
N TRP C 34 9.24 -11.30 -19.13
CA TRP C 34 10.49 -11.98 -18.88
C TRP C 34 10.29 -13.02 -17.78
N TYR C 35 10.75 -14.25 -18.04
CA TYR C 35 10.66 -15.34 -17.09
C TYR C 35 12.05 -15.88 -16.79
N GLN C 36 12.31 -16.18 -15.53
CA GLN C 36 13.55 -16.81 -15.12
C GLN C 36 13.25 -18.25 -14.70
N GLN C 37 14.14 -19.17 -15.05
CA GLN C 37 13.99 -20.58 -14.71
C GLN C 37 15.33 -21.04 -14.14
N LYS C 38 15.35 -21.26 -12.82
CA LYS C 38 16.51 -21.86 -12.19
C LYS C 38 16.48 -23.37 -12.40
N PRO C 39 17.65 -24.01 -12.47
CA PRO C 39 17.68 -25.43 -12.82
C PRO C 39 16.87 -26.30 -11.86
N GLY C 40 16.14 -27.25 -12.42
CA GLY C 40 15.30 -28.13 -11.63
C GLY C 40 14.17 -27.43 -10.91
N GLN C 41 13.55 -26.43 -11.56
CA GLN C 41 12.47 -25.67 -10.95
C GLN C 41 11.54 -25.18 -12.05
N ALA C 42 10.35 -24.74 -11.63
CA ALA C 42 9.36 -24.17 -12.54
C ALA C 42 9.66 -22.69 -12.78
N PRO C 43 9.45 -22.18 -13.99
CA PRO C 43 9.73 -20.77 -14.25
C PRO C 43 8.84 -19.84 -13.42
N VAL C 44 9.39 -18.69 -13.07
CA VAL C 44 8.64 -17.67 -12.36
C VAL C 44 8.84 -16.35 -13.10
N PRO C 45 7.85 -15.45 -13.12
CA PRO C 45 8.01 -14.19 -13.85
C PRO C 45 8.72 -13.16 -12.99
N VAL C 46 9.75 -12.52 -13.55
CA VAL C 46 10.44 -11.44 -12.90
C VAL C 46 9.84 -10.09 -13.28
N ILE C 47 9.47 -9.91 -14.54
CA ILE C 47 8.82 -8.69 -15.03
C ILE C 47 7.78 -9.11 -16.06
N TYR C 48 6.62 -8.47 -16.01
CA TYR C 48 5.60 -8.65 -17.04
C TYR C 48 5.05 -7.28 -17.44
N TYR C 49 4.53 -7.22 -18.67
CA TYR C 49 3.97 -6.01 -19.25
C TYR C 49 5.01 -4.87 -19.22
N ASP C 50 6.07 -5.10 -19.98
CA ASP C 50 7.16 -4.14 -20.19
C ASP C 50 8.00 -3.94 -18.94
N SER C 51 7.45 -3.22 -17.95
CA SER C 51 8.25 -2.82 -16.80
C SER C 51 7.60 -3.11 -15.45
N ASP C 52 6.37 -3.62 -15.42
CA ASP C 52 5.73 -3.90 -14.14
C ASP C 52 6.42 -5.06 -13.44
N ARG C 53 6.51 -4.97 -12.11
CA ARG C 53 7.18 -5.97 -11.31
C ARG C 53 6.18 -6.68 -10.40
N PRO C 54 6.11 -8.00 -10.44
CA PRO C 54 5.23 -8.71 -9.51
C PRO C 54 5.72 -8.59 -8.07
N SER C 55 4.80 -8.85 -7.15
CA SER C 55 5.12 -8.78 -5.72
C SER C 55 6.16 -9.82 -5.35
N GLY C 56 7.09 -9.43 -4.48
CA GLY C 56 8.14 -10.31 -4.03
C GLY C 56 9.41 -10.29 -4.85
N ILE C 57 9.41 -9.61 -6.00
CA ILE C 57 10.58 -9.50 -6.85
C ILE C 57 11.41 -8.32 -6.38
N PRO C 58 12.68 -8.48 -6.08
CA PRO C 58 13.50 -7.35 -5.64
C PRO C 58 13.62 -6.29 -6.73
N GLU C 59 13.80 -5.05 -6.30
CA GLU C 59 13.84 -3.91 -7.21
C GLU C 59 15.09 -3.88 -8.08
N ARG C 60 15.96 -4.88 -8.01
CA ARG C 60 17.14 -4.93 -8.87
C ARG C 60 16.79 -5.24 -10.32
N PHE C 61 15.58 -5.68 -10.61
CA PHE C 61 15.16 -6.03 -11.96
C PHE C 61 14.40 -4.86 -12.58
N SER C 62 14.78 -4.49 -13.79
CA SER C 62 14.09 -3.43 -14.52
C SER C 62 13.93 -3.86 -15.97
N GLY C 63 12.96 -3.26 -16.65
CA GLY C 63 12.69 -3.62 -18.03
C GLY C 63 12.33 -2.40 -18.86
N SER C 64 12.59 -2.51 -20.16
CA SER C 64 12.28 -1.45 -21.08
C SER C 64 11.91 -2.03 -22.43
N ASN C 65 11.01 -1.35 -23.14
CA ASN C 65 10.56 -1.77 -24.45
C ASN C 65 10.41 -0.53 -25.33
N SER C 66 11.14 -0.50 -26.44
CA SER C 66 11.07 0.61 -27.38
C SER C 66 11.72 0.25 -28.70
N GLY C 67 11.04 0.51 -29.81
CA GLY C 67 11.59 0.26 -31.12
C GLY C 67 11.51 -1.19 -31.55
N ASN C 68 12.67 -1.83 -31.74
CA ASN C 68 12.72 -3.22 -32.19
C ASN C 68 13.44 -4.13 -31.21
N THR C 69 13.84 -3.63 -30.05
CA THR C 69 14.52 -4.43 -29.04
C THR C 69 13.96 -4.12 -27.65
N ALA C 70 13.75 -5.17 -26.87
CA ALA C 70 13.43 -5.05 -25.46
C ALA C 70 14.72 -5.17 -24.65
N THR C 71 14.63 -4.89 -23.36
CA THR C 71 15.82 -4.93 -22.53
C THR C 71 15.44 -5.28 -21.10
N LEU C 72 16.12 -6.27 -20.54
CA LEU C 72 16.02 -6.64 -19.13
C LEU C 72 17.34 -6.31 -18.46
N THR C 73 17.28 -5.53 -17.37
CA THR C 73 18.47 -5.06 -16.67
C THR C 73 18.44 -5.58 -15.25
N ILE C 74 19.55 -6.18 -14.81
CA ILE C 74 19.71 -6.69 -13.46
C ILE C 74 20.82 -5.86 -12.82
N SER C 75 20.46 -5.07 -11.81
CA SER C 75 21.43 -4.25 -11.12
C SER C 75 22.00 -4.99 -9.91
N ARG C 76 23.32 -4.85 -9.71
CA ARG C 76 24.03 -5.51 -8.63
C ARG C 76 23.84 -7.02 -8.69
N VAL C 77 24.35 -7.60 -9.78
CA VAL C 77 24.16 -9.03 -10.04
C VAL C 77 24.80 -9.83 -8.91
N GLU C 78 24.00 -10.67 -8.26
CA GLU C 78 24.47 -11.52 -7.19
C GLU C 78 24.86 -12.89 -7.77
N VAL C 79 25.11 -13.86 -6.90
CA VAL C 79 25.42 -15.21 -7.36
C VAL C 79 24.16 -16.07 -7.48
N GLY C 80 23.08 -15.70 -6.79
CA GLY C 80 21.83 -16.45 -6.88
C GLY C 80 20.98 -16.04 -8.07
N ASP C 81 21.63 -15.56 -9.13
CA ASP C 81 20.93 -15.16 -10.35
C ASP C 81 21.28 -16.07 -11.53
N GLU C 82 21.76 -17.28 -11.25
CA GLU C 82 22.11 -18.23 -12.30
C GLU C 82 20.82 -18.93 -12.74
N ALA C 83 20.30 -18.53 -13.90
CA ALA C 83 19.06 -19.10 -14.41
C ALA C 83 18.97 -18.82 -15.91
N ASP C 84 17.97 -19.43 -16.53
CA ASP C 84 17.68 -19.20 -17.94
C ASP C 84 16.57 -18.17 -18.07
N TYR C 85 16.78 -17.16 -18.90
CA TYR C 85 15.85 -16.06 -19.05
C TYR C 85 15.20 -16.10 -20.42
N TYR C 86 13.87 -16.09 -20.43
CA TYR C 86 13.07 -16.16 -21.65
C TYR C 86 12.21 -14.91 -21.77
N CYS C 87 12.01 -14.46 -23.01
CA CYS C 87 11.11 -13.35 -23.31
C CYS C 87 9.93 -13.88 -24.10
N GLN C 88 8.72 -13.57 -23.64
CA GLN C 88 7.48 -14.00 -24.25
C GLN C 88 6.75 -12.80 -24.83
N VAL C 89 6.19 -12.98 -26.03
CA VAL C 89 5.35 -11.99 -26.69
C VAL C 89 4.09 -12.68 -27.19
N TRP C 90 2.94 -12.08 -26.91
CA TRP C 90 1.66 -12.62 -27.38
C TRP C 90 1.31 -11.99 -28.71
N ASP C 91 1.41 -12.77 -29.78
CA ASP C 91 1.02 -12.33 -31.13
C ASP C 91 -0.49 -12.45 -31.24
N SER C 92 -1.18 -11.32 -31.27
CA SER C 92 -2.64 -11.32 -31.32
C SER C 92 -3.17 -11.39 -32.74
N SER C 93 -2.31 -11.23 -33.74
CA SER C 93 -2.77 -11.36 -35.12
C SER C 93 -3.23 -12.79 -35.42
N SER C 94 -2.51 -13.79 -34.92
CA SER C 94 -2.86 -15.18 -35.10
C SER C 94 -3.21 -15.87 -33.78
N ASP C 95 -3.33 -15.11 -32.69
CA ASP C 95 -3.75 -15.63 -31.39
C ASP C 95 -2.82 -16.75 -30.89
N ARG C 96 -1.56 -16.38 -30.66
CA ARG C 96 -0.61 -17.35 -30.12
C ARG C 96 0.41 -16.62 -29.25
N ALA C 97 1.26 -17.39 -28.59
CA ALA C 97 2.32 -16.86 -27.75
C ALA C 97 3.65 -17.41 -28.24
N VAL C 98 4.62 -16.52 -28.48
CA VAL C 98 5.94 -16.92 -28.95
C VAL C 98 6.94 -16.63 -27.84
N PHE C 99 7.75 -17.64 -27.52
CA PHE C 99 8.79 -17.54 -26.51
C PHE C 99 10.12 -17.19 -27.18
N GLY C 100 11.12 -16.96 -26.34
CA GLY C 100 12.47 -16.69 -26.83
C GLY C 100 13.26 -17.96 -27.06
N GLY C 101 14.53 -17.96 -26.66
CA GLY C 101 15.36 -19.13 -26.81
C GLY C 101 16.24 -19.39 -25.61
N GLY C 102 16.08 -18.56 -24.58
CA GLY C 102 16.88 -18.71 -23.38
C GLY C 102 18.18 -17.94 -23.44
N THR C 103 18.65 -17.51 -22.28
CA THR C 103 19.91 -16.77 -22.18
C THR C 103 20.50 -17.06 -20.80
N THR C 104 21.48 -17.96 -20.76
CA THR C 104 22.14 -18.29 -19.50
C THR C 104 22.93 -17.11 -18.99
N LEU C 105 22.82 -16.87 -17.69
CA LEU C 105 23.52 -15.76 -17.01
C LEU C 105 24.56 -16.37 -16.08
N THR C 106 25.81 -16.35 -16.52
CA THR C 106 26.92 -16.92 -15.74
C THR C 106 27.65 -15.79 -15.02
N VAL C 107 27.75 -15.90 -13.70
CA VAL C 107 28.41 -14.89 -12.89
C VAL C 107 29.88 -15.25 -12.74
N LEU C 108 30.76 -14.30 -13.04
CA LEU C 108 32.19 -14.52 -12.96
C LEU C 108 32.64 -14.57 -11.51
N GLY C 109 33.94 -14.77 -11.30
CA GLY C 109 34.48 -14.98 -9.97
C GLY C 109 34.43 -16.46 -9.58
N GLN C 110 33.74 -16.77 -8.49
CA GLN C 110 33.45 -18.15 -8.11
C GLN C 110 34.72 -19.00 -8.04
N PRO C 111 35.52 -18.85 -6.99
CA PRO C 111 36.82 -19.54 -6.94
C PRO C 111 36.67 -21.05 -7.09
N LYS C 112 37.64 -21.65 -7.78
CA LYS C 112 37.58 -23.07 -8.11
C LYS C 112 37.55 -23.92 -6.84
N ALA C 113 36.73 -24.97 -6.86
CA ALA C 113 36.59 -25.89 -5.76
C ALA C 113 37.13 -27.26 -6.16
N ALA C 114 37.41 -28.09 -5.16
CA ALA C 114 37.95 -29.42 -5.35
C ALA C 114 36.85 -30.46 -5.28
N PRO C 115 36.64 -31.25 -6.32
CA PRO C 115 35.58 -32.27 -6.28
C PRO C 115 35.86 -33.33 -5.22
N SER C 116 34.79 -33.80 -4.59
CA SER C 116 34.87 -34.86 -3.60
C SER C 116 34.33 -36.15 -4.21
N VAL C 117 35.11 -37.22 -4.11
CA VAL C 117 34.79 -38.49 -4.74
C VAL C 117 34.72 -39.58 -3.69
N THR C 118 33.66 -40.38 -3.73
CA THR C 118 33.48 -41.53 -2.84
C THR C 118 33.00 -42.70 -3.67
N LEU C 119 33.63 -43.86 -3.47
CA LEU C 119 33.29 -45.08 -4.19
C LEU C 119 32.66 -46.09 -3.23
N PHE C 120 31.65 -46.80 -3.72
CA PHE C 120 30.94 -47.77 -2.91
C PHE C 120 31.14 -49.17 -3.47
N PRO C 121 31.65 -50.11 -2.69
CA PRO C 121 31.77 -51.48 -3.18
C PRO C 121 30.40 -52.08 -3.43
N PRO C 122 30.29 -53.03 -4.35
CA PRO C 122 29.01 -53.73 -4.54
C PRO C 122 28.59 -54.46 -3.27
N SER C 123 27.28 -54.47 -3.02
CA SER C 123 26.77 -55.09 -1.82
C SER C 123 26.56 -56.59 -2.03
N SER C 124 26.20 -57.28 -0.94
CA SER C 124 26.08 -58.73 -0.98
C SER C 124 24.95 -59.18 -1.90
N GLU C 125 23.77 -58.60 -1.73
CA GLU C 125 22.61 -59.04 -2.52
C GLU C 125 22.82 -58.77 -4.00
N GLU C 126 23.57 -57.73 -4.35
CA GLU C 126 23.95 -57.52 -5.75
C GLU C 126 24.86 -58.64 -6.22
N LEU C 127 25.78 -59.09 -5.38
CA LEU C 127 26.67 -60.19 -5.75
C LEU C 127 25.89 -61.47 -5.97
N GLN C 128 24.91 -61.76 -5.12
CA GLN C 128 24.07 -62.93 -5.35
C GLN C 128 23.17 -62.79 -6.57
N ALA C 129 23.06 -61.58 -7.14
CA ALA C 129 22.32 -61.37 -8.36
C ALA C 129 23.15 -61.60 -9.61
N ASN C 130 24.36 -62.13 -9.48
CA ASN C 130 25.25 -62.44 -10.59
C ASN C 130 25.60 -61.19 -11.41
N LYS C 131 25.73 -60.05 -10.72
CA LYS C 131 26.16 -58.82 -11.37
C LYS C 131 26.89 -57.96 -10.33
N ALA C 132 27.74 -57.06 -10.83
CA ALA C 132 28.52 -56.20 -9.96
C ALA C 132 28.55 -54.79 -10.56
N THR C 133 28.46 -53.79 -9.69
CA THR C 133 28.45 -52.40 -10.11
C THR C 133 29.34 -51.57 -9.20
N LEU C 134 30.08 -50.66 -9.82
CA LEU C 134 30.92 -49.68 -9.13
C LEU C 134 30.30 -48.30 -9.33
N VAL C 135 30.18 -47.55 -8.23
CA VAL C 135 29.27 -46.41 -8.16
C VAL C 135 30.08 -45.15 -7.82
N CYS C 136 31.28 -45.05 -8.38
CA CYS C 136 32.15 -43.89 -8.20
C CYS C 136 31.36 -42.60 -8.35
N LEU C 137 31.32 -41.80 -7.27
CA LEU C 137 30.38 -40.69 -7.14
C LEU C 137 31.14 -39.40 -6.91
N ILE C 138 30.75 -38.34 -7.61
CA ILE C 138 31.43 -37.07 -7.57
C ILE C 138 30.59 -36.08 -6.77
N SER C 139 31.22 -35.02 -6.26
CA SER C 139 30.55 -34.04 -5.41
C SER C 139 30.97 -32.64 -5.86
N ASP C 140 30.74 -31.67 -4.99
CA ASP C 140 30.76 -30.25 -5.34
C ASP C 140 32.05 -29.81 -6.04
N PHE C 141 31.89 -28.97 -7.06
CA PHE C 141 32.95 -28.27 -7.78
C PHE C 141 32.27 -27.30 -8.74
N TYR C 142 32.96 -26.20 -9.07
CA TYR C 142 32.28 -25.31 -10.01
C TYR C 142 33.19 -24.78 -11.13
N PRO C 143 34.06 -25.61 -11.73
CA PRO C 143 34.30 -25.46 -13.17
C PRO C 143 33.51 -26.50 -13.93
N GLY C 144 33.33 -26.33 -15.24
CA GLY C 144 32.70 -27.39 -16.00
C GLY C 144 33.70 -28.32 -16.64
N ALA C 145 34.03 -29.41 -15.94
CA ALA C 145 34.97 -30.40 -16.46
C ALA C 145 34.95 -31.67 -15.60
N VAL C 146 34.73 -32.82 -16.22
CA VAL C 146 34.82 -34.11 -15.54
C VAL C 146 35.46 -35.12 -16.49
N THR C 147 36.53 -35.76 -16.03
CA THR C 147 37.19 -36.84 -16.78
C THR C 147 37.46 -37.98 -15.80
N VAL C 148 36.77 -39.10 -16.02
CA VAL C 148 36.83 -40.24 -15.11
C VAL C 148 37.60 -41.38 -15.78
N ALA C 149 38.55 -41.96 -15.05
CA ALA C 149 39.34 -43.08 -15.53
C ALA C 149 39.26 -44.23 -14.54
N TRP C 150 39.19 -45.44 -15.06
CA TRP C 150 39.07 -46.65 -14.26
C TRP C 150 40.29 -47.54 -14.49
N LYS C 151 40.79 -48.13 -13.41
CA LYS C 151 41.91 -49.07 -13.50
C LYS C 151 41.61 -50.30 -12.67
N ALA C 152 42.16 -51.45 -13.09
CA ALA C 152 42.07 -52.71 -12.35
C ALA C 152 43.49 -53.18 -12.12
N ASP C 153 43.98 -53.01 -10.89
CA ASP C 153 45.36 -53.34 -10.52
C ASP C 153 46.35 -52.63 -11.43
N SER C 154 46.07 -51.36 -11.75
CA SER C 154 46.92 -50.54 -12.58
C SER C 154 46.57 -50.52 -14.05
N SER C 155 46.10 -51.64 -14.59
CA SER C 155 45.75 -51.70 -15.99
C SER C 155 44.46 -50.92 -16.25
N PRO C 156 44.45 -50.00 -17.22
CA PRO C 156 43.21 -49.28 -17.51
C PRO C 156 42.12 -50.22 -18.02
N VAL C 157 40.88 -49.91 -17.65
CA VAL C 157 39.72 -50.72 -18.03
C VAL C 157 38.68 -49.81 -18.68
N LYS C 158 38.21 -50.22 -19.86
CA LYS C 158 37.15 -49.50 -20.57
C LYS C 158 36.19 -50.56 -21.09
N ALA C 159 35.15 -50.84 -20.32
CA ALA C 159 34.14 -51.83 -20.70
C ALA C 159 32.86 -51.53 -19.94
N GLY C 160 31.85 -51.06 -20.64
CA GLY C 160 30.58 -50.76 -20.01
C GLY C 160 30.65 -49.66 -18.97
N VAL C 161 31.35 -48.57 -19.29
CA VAL C 161 31.47 -47.43 -18.39
C VAL C 161 30.45 -46.38 -18.82
N GLU C 162 29.61 -45.95 -17.90
CA GLU C 162 28.62 -44.91 -18.18
C GLU C 162 28.93 -43.69 -17.33
N THR C 163 28.92 -42.52 -17.97
CA THR C 163 29.19 -41.26 -17.28
C THR C 163 28.15 -40.24 -17.70
N THR C 164 27.52 -39.62 -16.70
CA THR C 164 26.52 -38.59 -16.99
C THR C 164 27.19 -37.22 -17.13
N THR C 165 26.56 -36.37 -17.94
CA THR C 165 27.06 -35.01 -18.10
C THR C 165 26.92 -34.25 -16.78
N PRO C 166 27.97 -33.53 -16.36
CA PRO C 166 27.87 -32.76 -15.11
C PRO C 166 26.70 -31.78 -15.15
N SER C 167 26.00 -31.66 -14.03
CA SER C 167 24.83 -30.78 -14.00
C SER C 167 24.95 -29.68 -12.96
N LYS C 168 24.37 -28.52 -13.23
CA LYS C 168 24.42 -27.42 -12.29
C LYS C 168 23.62 -27.73 -11.04
N GLN C 169 24.08 -27.23 -9.89
CA GLN C 169 23.37 -27.46 -8.65
C GLN C 169 22.93 -26.13 -8.07
N SER C 170 21.89 -26.14 -7.23
CA SER C 170 21.44 -24.92 -6.60
C SER C 170 22.60 -24.26 -5.89
N ASN C 171 23.57 -25.06 -5.46
CA ASN C 171 24.74 -24.53 -4.78
C ASN C 171 25.82 -24.13 -5.78
N ASN C 172 25.45 -24.03 -7.05
CA ASN C 172 26.42 -23.70 -8.09
C ASN C 172 27.37 -24.86 -8.33
N LYS C 173 28.10 -25.25 -7.29
CA LYS C 173 28.99 -26.40 -7.40
C LYS C 173 28.25 -27.48 -8.18
N TYR C 174 28.92 -28.16 -9.10
CA TYR C 174 28.20 -29.13 -9.97
C TYR C 174 28.28 -30.53 -9.36
N ALA C 175 27.56 -31.49 -9.96
CA ALA C 175 27.54 -32.86 -9.49
C ALA C 175 27.57 -33.79 -10.68
N ALA C 176 28.13 -34.97 -10.48
CA ALA C 176 28.26 -35.97 -11.55
C ALA C 176 28.38 -37.35 -10.92
N SER C 177 28.19 -38.36 -11.74
CA SER C 177 28.28 -39.75 -11.28
C SER C 177 28.80 -40.63 -12.42
N SER C 178 29.42 -41.74 -12.05
CA SER C 178 29.93 -42.70 -13.01
C SER C 178 29.57 -44.11 -12.55
N TYR C 179 29.20 -44.96 -13.50
CA TYR C 179 28.80 -46.33 -13.21
C TYR C 179 29.64 -47.30 -14.02
N LEU C 180 30.09 -48.37 -13.36
CA LEU C 180 30.86 -49.44 -14.00
C LEU C 180 30.15 -50.76 -13.76
N SER C 181 29.63 -51.37 -14.82
CA SER C 181 28.95 -52.65 -14.71
C SER C 181 29.88 -53.76 -15.17
N LEU C 182 30.00 -54.82 -14.37
CA LEU C 182 30.86 -55.93 -14.71
C LEU C 182 30.39 -57.18 -13.98
N THR C 183 30.73 -58.34 -14.53
CA THR C 183 30.36 -59.60 -13.93
C THR C 183 31.12 -59.80 -12.62
N PRO C 184 30.53 -60.54 -11.67
CA PRO C 184 31.24 -60.80 -10.41
C PRO C 184 32.53 -61.57 -10.58
N GLU C 185 32.69 -62.31 -11.69
CA GLU C 185 33.93 -63.06 -11.91
C GLU C 185 35.12 -62.11 -11.99
N GLN C 186 34.99 -61.02 -12.74
CA GLN C 186 36.07 -60.03 -12.82
C GLN C 186 36.31 -59.39 -11.46
N TRP C 187 35.23 -59.10 -10.72
CA TRP C 187 35.36 -58.45 -9.42
C TRP C 187 36.03 -59.35 -8.38
N LYS C 188 35.91 -60.67 -8.52
CA LYS C 188 36.58 -61.60 -7.62
C LYS C 188 37.91 -62.10 -8.21
N SER C 189 38.41 -61.45 -9.25
CA SER C 189 39.65 -61.83 -9.90
C SER C 189 40.76 -60.81 -9.70
N HIS C 190 40.54 -59.55 -10.06
CA HIS C 190 41.55 -58.52 -9.89
C HIS C 190 41.72 -58.17 -8.41
N ARG C 191 42.97 -57.84 -8.05
CA ARG C 191 43.29 -57.59 -6.64
C ARG C 191 42.76 -56.24 -6.15
N SER C 192 42.50 -55.30 -7.05
CA SER C 192 42.00 -53.99 -6.64
C SER C 192 41.36 -53.29 -7.83
N TYR C 193 40.56 -52.28 -7.53
CA TYR C 193 39.95 -51.41 -8.52
C TYR C 193 40.14 -49.96 -8.09
N SER C 194 40.25 -49.07 -9.07
CA SER C 194 40.52 -47.66 -8.78
C SER C 194 39.74 -46.77 -9.74
N CYS C 195 39.11 -45.75 -9.18
CA CYS C 195 38.42 -44.72 -9.95
C CYS C 195 39.08 -43.39 -9.68
N GLN C 196 39.54 -42.71 -10.72
CA GLN C 196 40.18 -41.41 -10.58
C GLN C 196 39.46 -40.37 -11.42
N VAL C 197 39.41 -39.15 -10.90
CA VAL C 197 38.85 -38.01 -11.60
C VAL C 197 39.97 -37.00 -11.81
N THR C 198 40.16 -36.57 -13.06
CA THR C 198 41.13 -35.53 -13.38
C THR C 198 40.38 -34.21 -13.55
N HIS C 199 40.87 -33.17 -12.90
CA HIS C 199 40.17 -31.90 -12.73
C HIS C 199 41.20 -30.79 -12.86
N GLU C 200 41.33 -30.24 -14.06
CA GLU C 200 42.29 -29.19 -14.38
C GLU C 200 43.68 -29.53 -13.83
N GLY C 201 44.10 -30.78 -14.09
CA GLY C 201 45.39 -31.24 -13.66
C GLY C 201 45.37 -32.03 -12.36
N SER C 202 44.52 -31.63 -11.42
CA SER C 202 44.48 -32.29 -10.12
C SER C 202 43.77 -33.63 -10.24
N THR C 203 44.43 -34.70 -9.83
CA THR C 203 43.87 -36.04 -9.93
C THR C 203 43.50 -36.54 -8.54
N VAL C 204 42.23 -36.90 -8.36
CA VAL C 204 41.73 -37.44 -7.10
C VAL C 204 41.25 -38.85 -7.36
N GLU C 205 41.83 -39.83 -6.67
CA GLU C 205 41.55 -41.23 -6.94
C GLU C 205 41.10 -41.94 -5.65
N LYS C 206 40.26 -42.96 -5.83
CA LYS C 206 39.81 -43.82 -4.75
C LYS C 206 39.99 -45.27 -5.17
N THR C 207 40.48 -46.09 -4.24
CA THR C 207 40.76 -47.49 -4.50
C THR C 207 39.95 -48.37 -3.57
N VAL C 208 39.42 -49.46 -4.12
CA VAL C 208 38.65 -50.44 -3.37
C VAL C 208 39.14 -51.83 -3.73
N ALA C 209 39.36 -52.66 -2.71
CA ALA C 209 39.83 -54.03 -2.90
C ALA C 209 38.72 -55.03 -2.60
N PRO C 210 38.74 -56.20 -3.24
CA PRO C 210 37.71 -57.21 -2.96
C PRO C 210 37.90 -57.87 -1.60
N THR C 211 37.67 -57.11 -0.53
CA THR C 211 37.80 -57.62 0.83
C THR C 211 36.51 -57.31 1.59
N GLU C 212 35.96 -58.32 2.25
CA GLU C 212 34.75 -58.16 3.04
C GLU C 212 34.90 -58.97 4.33
N CYS C 213 34.25 -58.49 5.39
CA CYS C 213 34.32 -59.16 6.68
C CYS C 213 33.49 -60.45 6.64
N SER C 214 33.46 -61.14 7.78
CA SER C 214 32.73 -62.39 7.91
C SER C 214 31.22 -62.16 7.79
N GLU D 1 2.07 33.84 -4.91
CA GLU D 1 1.43 33.85 -3.61
C GLU D 1 -0.09 33.59 -3.69
N VAL D 2 -0.53 32.44 -3.15
CA VAL D 2 -1.95 32.24 -2.89
C VAL D 2 -2.36 33.16 -1.75
N GLN D 3 -3.51 33.82 -1.90
CA GLN D 3 -4.08 34.57 -0.78
C GLN D 3 -5.59 34.36 -0.71
N LEU D 4 -6.13 34.41 0.51
CA LEU D 4 -7.57 34.33 0.75
C LEU D 4 -7.95 35.42 1.74
N LEU D 5 -8.71 36.40 1.26
CA LEU D 5 -9.02 37.59 2.05
C LEU D 5 -10.48 37.56 2.46
N GLU D 6 -10.74 37.55 3.76
CA GLU D 6 -12.11 37.42 4.23
C GLU D 6 -12.67 38.78 4.60
N SER D 7 -13.99 38.93 4.44
CA SER D 7 -14.69 40.13 4.84
C SER D 7 -16.14 39.76 5.12
N GLY D 8 -16.87 40.74 5.68
CA GLY D 8 -18.29 40.60 5.93
C GLY D 8 -18.65 40.25 7.35
N GLY D 9 -17.67 39.98 8.23
CA GLY D 9 -17.99 39.63 9.60
C GLY D 9 -18.51 40.81 10.38
N GLY D 10 -19.24 40.52 11.45
CA GLY D 10 -19.71 41.60 12.30
C GLY D 10 -20.75 41.12 13.29
N LEU D 11 -21.46 42.09 13.83
CA LEU D 11 -22.38 41.88 14.93
C LEU D 11 -23.80 41.94 14.39
N VAL D 12 -24.59 40.92 14.76
CA VAL D 12 -25.94 40.72 14.27
C VAL D 12 -26.75 40.15 15.41
N GLN D 13 -28.05 40.47 15.43
CA GLN D 13 -28.97 39.97 16.44
C GLN D 13 -29.45 38.55 16.12
N PRO D 14 -29.90 37.80 17.14
CA PRO D 14 -30.44 36.44 16.91
C PRO D 14 -31.56 36.46 15.89
N GLY D 15 -31.41 35.67 14.84
CA GLY D 15 -32.39 35.64 13.78
C GLY D 15 -31.97 36.38 12.54
N GLY D 16 -30.97 37.26 12.67
CA GLY D 16 -30.47 38.05 11.57
C GLY D 16 -29.83 37.27 10.45
N SER D 17 -29.21 38.00 9.52
CA SER D 17 -28.52 37.49 8.36
C SER D 17 -27.17 38.17 8.24
N LEU D 18 -26.17 37.41 7.80
CA LEU D 18 -24.86 37.94 7.45
C LEU D 18 -24.38 37.22 6.21
N ARG D 19 -23.56 37.90 5.39
CA ARG D 19 -22.96 37.28 4.21
C ARG D 19 -21.45 37.37 4.35
N LEU D 20 -20.77 36.24 4.32
CA LEU D 20 -19.32 36.30 4.39
C LEU D 20 -18.71 36.19 3.00
N SER D 21 -17.50 36.71 2.86
CA SER D 21 -16.85 36.72 1.57
C SER D 21 -15.39 36.34 1.72
N CYS D 22 -14.90 35.57 0.76
CA CYS D 22 -13.52 35.08 0.78
C CYS D 22 -12.98 35.28 -0.63
N ALA D 23 -12.33 36.42 -0.84
CA ALA D 23 -11.69 36.74 -2.12
C ALA D 23 -10.41 35.94 -2.29
N ALA D 24 -10.30 35.24 -3.41
CA ALA D 24 -9.20 34.32 -3.67
C ALA D 24 -8.29 34.85 -4.78
N SER D 25 -7.00 34.57 -4.66
CA SER D 25 -6.03 35.00 -5.67
C SER D 25 -4.80 34.11 -5.59
N GLY D 26 -4.01 34.12 -6.66
CA GLY D 26 -2.83 33.30 -6.74
C GLY D 26 -3.04 31.88 -7.23
N PHE D 27 -4.25 31.52 -7.64
CA PHE D 27 -4.45 30.20 -8.20
C PHE D 27 -5.72 30.17 -9.02
N THR D 28 -5.88 29.09 -9.78
CA THR D 28 -7.09 28.85 -10.54
C THR D 28 -8.19 28.43 -9.59
N PHE D 29 -8.96 29.42 -9.13
CA PHE D 29 -9.97 29.23 -8.11
C PHE D 29 -10.96 28.14 -8.49
N SER D 30 -11.53 28.25 -9.69
CA SER D 30 -12.59 27.33 -10.13
C SER D 30 -12.16 25.88 -10.13
N SER D 31 -10.87 25.58 -9.98
CA SER D 31 -10.49 24.17 -9.97
C SER D 31 -10.42 23.57 -8.58
N TYR D 32 -10.59 24.36 -7.53
CA TYR D 32 -10.38 23.84 -6.19
C TYR D 32 -11.67 23.87 -5.42
N ALA D 33 -11.92 22.78 -4.70
CA ALA D 33 -12.89 22.82 -3.63
C ALA D 33 -12.45 23.85 -2.60
N MET D 34 -13.43 24.44 -1.92
CA MET D 34 -13.23 25.43 -0.86
C MET D 34 -14.18 25.11 0.29
N SER D 35 -13.81 25.57 1.48
CA SER D 35 -14.64 25.33 2.65
C SER D 35 -14.57 26.49 3.62
N TRP D 36 -15.59 26.56 4.47
CA TRP D 36 -15.67 27.48 5.59
C TRP D 36 -15.51 26.69 6.89
N VAL D 37 -14.58 27.11 7.74
CA VAL D 37 -14.29 26.50 9.04
C VAL D 37 -14.44 27.59 10.07
N ARG D 38 -14.86 27.23 11.29
CA ARG D 38 -15.06 28.27 12.27
C ARG D 38 -14.61 27.80 13.65
N GLN D 39 -14.46 28.76 14.56
CA GLN D 39 -14.04 28.43 15.93
C GLN D 39 -14.72 29.33 16.94
N ALA D 40 -15.74 28.78 17.62
CA ALA D 40 -16.42 29.52 18.66
C ALA D 40 -15.51 29.64 19.87
N PRO D 41 -15.66 30.70 20.66
CA PRO D 41 -14.78 30.88 21.82
C PRO D 41 -14.87 29.69 22.76
N GLY D 42 -13.72 29.13 23.12
CA GLY D 42 -13.72 28.01 24.05
C GLY D 42 -14.18 26.69 23.46
N LYS D 43 -14.28 26.58 22.14
CA LYS D 43 -14.55 25.33 21.47
C LYS D 43 -13.48 25.13 20.40
N GLY D 44 -13.55 23.98 19.71
CA GLY D 44 -12.56 23.64 18.71
C GLY D 44 -13.10 23.86 17.31
N LEU D 45 -12.19 23.83 16.34
CA LEU D 45 -12.59 24.07 14.96
C LEU D 45 -13.72 23.12 14.55
N GLU D 46 -14.56 23.58 13.63
CA GLU D 46 -15.55 22.70 13.03
C GLU D 46 -15.75 23.15 11.60
N TRP D 47 -15.96 22.20 10.69
CA TRP D 47 -16.25 22.54 9.31
C TRP D 47 -17.65 23.09 9.24
N VAL D 48 -17.80 24.33 8.79
CA VAL D 48 -19.14 24.82 8.55
C VAL D 48 -19.69 24.25 7.26
N SER D 49 -18.97 24.43 6.15
CA SER D 49 -19.50 23.95 4.89
C SER D 49 -18.41 23.92 3.81
N ALA D 50 -18.71 23.30 2.67
CA ALA D 50 -17.70 23.13 1.61
C ALA D 50 -18.40 22.92 0.27
N ILE D 51 -17.61 23.03 -0.80
CA ILE D 51 -18.18 23.12 -2.15
C ILE D 51 -17.04 22.77 -3.10
N VAL D 52 -17.35 22.00 -4.17
CA VAL D 52 -16.31 21.59 -5.11
C VAL D 52 -16.04 22.75 -6.08
N GLY D 53 -14.97 22.64 -6.88
CA GLY D 53 -14.56 23.75 -7.74
C GLY D 53 -15.70 24.31 -8.58
N SER D 54 -16.45 23.42 -9.23
CA SER D 54 -17.55 23.86 -10.09
C SER D 54 -18.73 24.49 -9.33
N GLY D 55 -18.84 24.32 -8.01
CA GLY D 55 -20.04 24.74 -7.33
C GLY D 55 -21.18 23.73 -7.31
N GLY D 56 -21.04 22.58 -8.00
CA GLY D 56 -22.14 21.66 -8.21
C GLY D 56 -22.44 20.69 -7.12
N SER D 57 -21.65 20.69 -6.05
CA SER D 57 -21.86 19.76 -4.95
C SER D 57 -21.35 20.48 -3.71
N THR D 58 -22.16 20.49 -2.66
CA THR D 58 -21.85 21.26 -1.46
C THR D 58 -22.15 20.42 -0.22
N TYR D 59 -21.47 20.75 0.88
CA TYR D 59 -21.64 20.06 2.15
C TYR D 59 -21.98 21.10 3.22
N TYR D 60 -22.82 20.70 4.19
CA TYR D 60 -23.15 21.55 5.34
C TYR D 60 -22.99 20.77 6.63
N ALA D 61 -22.50 21.46 7.66
CA ALA D 61 -22.52 20.85 8.97
C ALA D 61 -23.95 20.73 9.44
N ASP D 62 -24.23 19.67 10.22
CA ASP D 62 -25.60 19.44 10.68
C ASP D 62 -26.16 20.66 11.39
N SER D 63 -25.37 21.29 12.26
CA SER D 63 -25.88 22.42 13.02
C SER D 63 -26.31 23.59 12.16
N VAL D 64 -25.99 23.61 10.85
CA VAL D 64 -26.32 24.75 10.01
C VAL D 64 -27.10 24.39 8.75
N LYS D 65 -27.44 23.10 8.54
CA LYS D 65 -28.31 22.78 7.40
C LYS D 65 -29.60 23.60 7.44
N GLY D 66 -30.03 24.03 6.25
CA GLY D 66 -31.21 24.82 6.12
C GLY D 66 -31.02 26.30 6.45
N ARG D 67 -29.91 26.68 7.07
CA ARG D 67 -29.73 28.06 7.52
C ARG D 67 -28.62 28.80 6.82
N PHE D 68 -27.58 28.09 6.37
CA PHE D 68 -26.43 28.65 5.67
C PHE D 68 -26.45 28.16 4.24
N ILE D 69 -26.04 29.02 3.32
CA ILE D 69 -25.77 28.58 1.96
C ILE D 69 -24.38 29.03 1.56
N ILE D 70 -23.63 28.10 0.97
CA ILE D 70 -22.30 28.34 0.46
C ILE D 70 -22.38 28.47 -1.05
N SER D 71 -21.56 29.33 -1.62
CA SER D 71 -21.60 29.51 -3.05
C SER D 71 -20.29 30.17 -3.48
N ARG D 72 -20.09 30.23 -4.78
CA ARG D 72 -18.88 30.82 -5.30
C ARG D 72 -19.22 31.53 -6.59
N ASP D 73 -18.49 32.61 -6.87
CA ASP D 73 -18.48 33.19 -8.20
C ASP D 73 -17.09 32.91 -8.74
N ASN D 74 -17.01 31.98 -9.69
CA ASN D 74 -15.71 31.64 -10.25
C ASN D 74 -15.20 32.77 -11.13
N SER D 75 -16.09 33.57 -11.73
CA SER D 75 -15.68 34.79 -12.44
C SER D 75 -14.87 35.73 -11.55
N LYS D 76 -15.31 35.93 -10.31
CA LYS D 76 -14.72 36.92 -9.44
C LYS D 76 -13.75 36.32 -8.44
N ASN D 77 -13.41 35.05 -8.60
CA ASN D 77 -12.59 34.31 -7.65
C ASN D 77 -12.99 34.57 -6.20
N THR D 78 -14.30 34.45 -5.94
CA THR D 78 -14.84 34.73 -4.61
C THR D 78 -15.73 33.57 -4.14
N LEU D 79 -15.54 33.18 -2.88
CA LEU D 79 -16.40 32.26 -2.14
C LEU D 79 -17.30 33.02 -1.15
N TYR D 80 -18.52 32.55 -0.96
CA TYR D 80 -19.46 33.21 -0.07
C TYR D 80 -19.99 32.22 0.97
N LEU D 81 -20.59 32.79 2.01
CA LEU D 81 -21.37 32.04 3.00
C LEU D 81 -22.52 32.97 3.40
N GLN D 82 -23.68 32.70 2.82
CA GLN D 82 -24.90 33.38 3.22
C GLN D 82 -25.38 32.71 4.50
N MET D 83 -25.48 33.48 5.58
CA MET D 83 -25.90 32.98 6.88
C MET D 83 -27.25 33.57 7.25
N ASN D 84 -28.23 32.71 7.53
CA ASN D 84 -29.55 33.16 7.97
C ASN D 84 -29.87 32.56 9.32
N SER D 85 -30.87 33.14 9.97
CA SER D 85 -31.41 32.63 11.22
C SER D 85 -30.32 32.39 12.24
N LEU D 86 -29.39 33.33 12.34
CA LEU D 86 -28.24 33.10 13.19
C LEU D 86 -28.67 32.93 14.64
N ARG D 87 -27.91 32.11 15.34
CA ARG D 87 -28.11 31.81 16.74
C ARG D 87 -26.88 32.26 17.51
N ALA D 88 -27.05 32.42 18.82
CA ALA D 88 -25.94 32.87 19.65
C ALA D 88 -24.70 32.03 19.37
N GLU D 89 -24.87 30.69 19.34
CA GLU D 89 -23.75 29.78 19.24
C GLU D 89 -23.07 29.83 17.87
N ASP D 90 -23.70 30.44 16.86
CA ASP D 90 -22.98 30.72 15.61
C ASP D 90 -21.88 31.74 15.79
N THR D 91 -21.81 32.40 16.94
CA THR D 91 -20.72 33.33 17.20
C THR D 91 -19.40 32.60 17.11
N ALA D 92 -18.52 33.07 16.22
CA ALA D 92 -17.20 32.45 16.06
C ALA D 92 -16.36 33.29 15.12
N VAL D 93 -15.10 32.86 14.97
CA VAL D 93 -14.23 33.30 13.90
C VAL D 93 -14.41 32.34 12.75
N TYR D 94 -14.64 32.87 11.56
CA TYR D 94 -14.89 32.07 10.37
C TYR D 94 -13.67 32.20 9.48
N TYR D 95 -13.07 31.06 9.14
CA TYR D 95 -11.99 31.02 8.17
C TYR D 95 -12.54 30.41 6.89
N CYS D 96 -11.92 30.76 5.76
CA CYS D 96 -12.11 30.02 4.53
C CYS D 96 -10.81 29.32 4.18
N ALA D 97 -10.91 28.26 3.39
CA ALA D 97 -9.75 27.41 3.16
C ALA D 97 -9.82 26.80 1.78
N LYS D 98 -8.67 26.46 1.23
CA LYS D 98 -8.56 25.93 -0.12
C LYS D 98 -8.11 24.47 -0.08
N SER D 99 -8.68 23.65 -0.95
CA SER D 99 -8.25 22.24 -1.01
C SER D 99 -6.88 22.12 -1.68
N LEU D 100 -5.97 21.36 -1.04
CA LEU D 100 -4.67 21.07 -1.64
C LEU D 100 -4.82 20.49 -3.05
N ILE D 101 -5.51 19.36 -3.15
CA ILE D 101 -5.72 18.68 -4.44
C ILE D 101 -6.78 19.41 -5.24
N TYR D 102 -6.69 19.34 -6.56
CA TYR D 102 -7.65 19.95 -7.46
C TYR D 102 -8.49 18.86 -8.11
N GLY D 103 -9.69 19.25 -8.54
CA GLY D 103 -10.50 18.46 -9.43
C GLY D 103 -11.65 17.67 -8.82
N HIS D 104 -11.96 17.85 -7.54
CA HIS D 104 -13.09 17.11 -7.00
C HIS D 104 -14.39 17.52 -7.69
N TYR D 105 -15.28 16.56 -7.87
CA TYR D 105 -16.58 16.81 -8.46
C TYR D 105 -17.71 16.62 -7.46
N ASP D 106 -17.52 15.76 -6.46
CA ASP D 106 -18.49 15.46 -5.40
C ASP D 106 -17.84 15.74 -4.05
N ILE D 107 -18.57 16.38 -3.15
CA ILE D 107 -17.89 16.93 -1.97
C ILE D 107 -17.55 15.86 -0.95
N LEU D 108 -18.22 14.70 -1.00
CA LEU D 108 -17.88 13.58 -0.14
C LEU D 108 -16.94 12.60 -0.81
N THR D 109 -16.50 12.86 -2.05
CA THR D 109 -15.67 11.92 -2.79
C THR D 109 -14.29 12.51 -3.04
N GLY D 110 -13.29 11.84 -2.49
CA GLY D 110 -11.89 12.20 -2.67
C GLY D 110 -11.25 12.54 -1.33
N ALA D 111 -9.98 12.96 -1.42
CA ALA D 111 -9.21 13.31 -0.24
C ALA D 111 -9.14 14.83 -0.13
N TYR D 112 -9.36 15.35 1.09
CA TYR D 112 -9.61 16.77 1.33
C TYR D 112 -8.62 17.27 2.38
N TYR D 113 -7.57 17.92 1.91
CA TYR D 113 -6.60 18.57 2.75
C TYR D 113 -6.66 20.04 2.38
N PHE D 114 -6.37 20.91 3.33
CA PHE D 114 -6.55 22.33 3.08
C PHE D 114 -5.23 23.05 3.33
N ASP D 115 -4.61 23.51 2.25
CA ASP D 115 -3.26 24.07 2.34
C ASP D 115 -3.29 25.53 2.71
N TYR D 116 -4.08 26.35 2.00
CA TYR D 116 -4.16 27.76 2.32
C TYR D 116 -5.42 28.12 3.10
N TRP D 117 -5.25 29.05 4.03
CA TRP D 117 -6.30 29.46 4.95
C TRP D 117 -6.35 30.97 5.01
N GLY D 118 -7.55 31.54 5.04
CA GLY D 118 -7.71 32.96 5.22
C GLY D 118 -7.42 33.33 6.66
N GLN D 119 -7.52 34.64 6.95
CA GLN D 119 -7.24 35.16 8.29
C GLN D 119 -8.44 35.12 9.22
N GLY D 120 -9.65 35.11 8.68
CA GLY D 120 -10.80 34.94 9.53
C GLY D 120 -11.50 36.24 9.82
N THR D 121 -12.83 36.25 9.77
CA THR D 121 -13.66 37.31 10.32
C THR D 121 -14.36 36.83 11.57
N LEU D 122 -14.68 37.76 12.46
CA LEU D 122 -15.39 37.45 13.68
C LEU D 122 -16.87 37.68 13.43
N VAL D 123 -17.70 36.74 13.85
CA VAL D 123 -19.15 36.87 13.74
C VAL D 123 -19.72 36.80 15.14
N THR D 124 -20.54 37.78 15.46
CA THR D 124 -21.06 37.93 16.81
C THR D 124 -22.57 37.99 16.68
N VAL D 125 -23.24 37.03 17.29
CA VAL D 125 -24.68 36.95 17.29
C VAL D 125 -25.11 37.24 18.70
N SER D 126 -25.76 38.39 18.89
CA SER D 126 -26.10 38.85 20.21
C SER D 126 -27.09 39.98 20.09
N SER D 127 -27.92 40.15 21.10
CA SER D 127 -28.80 41.31 21.19
C SER D 127 -28.40 42.20 22.36
N ALA D 128 -27.13 42.18 22.73
CA ALA D 128 -26.63 43.08 23.75
C ALA D 128 -26.25 44.42 23.13
N SER D 129 -26.63 45.50 23.82
CA SER D 129 -26.27 46.84 23.38
C SER D 129 -24.85 47.15 23.82
N THR D 130 -24.17 47.99 23.04
CA THR D 130 -22.85 48.48 23.43
C THR D 130 -22.90 49.06 24.84
N LYS D 131 -21.96 48.64 25.69
CA LYS D 131 -22.00 49.01 27.10
C LYS D 131 -20.60 48.92 27.69
N GLY D 132 -20.28 49.86 28.59
CA GLY D 132 -19.00 49.87 29.27
C GLY D 132 -19.00 49.07 30.56
N PRO D 133 -17.82 48.62 30.97
CA PRO D 133 -17.73 47.71 32.12
C PRO D 133 -17.83 48.44 33.45
N SER D 134 -17.86 47.65 34.51
CA SER D 134 -17.74 48.11 35.89
C SER D 134 -16.56 47.41 36.53
N VAL D 135 -15.83 48.14 37.38
CA VAL D 135 -14.58 47.66 37.97
C VAL D 135 -14.76 47.48 39.47
N PHE D 136 -14.44 46.30 39.98
CA PHE D 136 -14.50 46.00 41.40
C PHE D 136 -13.14 45.48 41.87
N PRO D 137 -12.78 45.76 43.11
CA PRO D 137 -11.50 45.28 43.63
C PRO D 137 -11.56 43.79 43.96
N LEU D 138 -10.37 43.22 44.15
CA LEU D 138 -10.25 41.79 44.44
C LEU D 138 -9.68 41.55 45.82
N ALA D 139 -10.20 42.29 46.81
CA ALA D 139 -9.98 42.09 48.24
C ALA D 139 -8.52 41.97 48.62
N PRO D 140 -7.74 43.08 48.62
CA PRO D 140 -6.37 43.06 49.14
C PRO D 140 -6.31 43.17 50.67
N SER D 141 -7.05 42.30 51.35
CA SER D 141 -7.01 42.25 52.80
C SER D 141 -5.72 41.58 53.27
N SER D 142 -5.26 41.97 54.46
CA SER D 142 -3.98 41.51 54.96
C SER D 142 -4.05 40.15 55.65
N LYS D 143 -5.22 39.53 55.71
CA LYS D 143 -5.33 38.19 56.29
C LYS D 143 -4.72 37.14 55.37
N SER D 144 -4.01 36.19 55.97
CA SER D 144 -3.42 35.01 55.32
C SER D 144 -2.22 35.31 54.43
N THR D 145 -1.69 36.53 54.44
CA THR D 145 -0.55 36.88 53.60
C THR D 145 0.47 37.73 54.36
N SER D 146 0.84 37.30 55.57
CA SER D 146 1.87 38.00 56.31
C SER D 146 3.29 37.74 55.78
N GLY D 147 3.41 37.15 54.59
CA GLY D 147 4.69 36.87 53.97
C GLY D 147 4.90 37.65 52.69
N GLY D 148 5.87 37.19 51.91
CA GLY D 148 6.28 37.90 50.70
C GLY D 148 5.42 37.70 49.48
N THR D 149 4.34 36.92 49.58
CA THR D 149 3.43 36.69 48.46
C THR D 149 2.04 37.19 48.84
N ALA D 150 1.49 38.10 48.02
CA ALA D 150 0.15 38.64 48.23
C ALA D 150 -0.53 38.81 46.88
N ALA D 151 -1.85 38.57 46.85
CA ALA D 151 -2.64 38.63 45.62
C ALA D 151 -3.77 39.65 45.78
N LEU D 152 -3.93 40.49 44.76
CA LEU D 152 -4.97 41.51 44.72
C LEU D 152 -5.49 41.58 43.29
N GLY D 153 -6.23 42.63 42.97
CA GLY D 153 -6.53 42.90 41.57
C GLY D 153 -7.84 43.66 41.42
N CYS D 154 -8.30 43.67 40.17
CA CYS D 154 -9.53 44.32 39.75
C CYS D 154 -10.42 43.28 39.06
N LEU D 155 -11.58 43.72 38.59
CA LEU D 155 -12.58 42.79 38.08
C LEU D 155 -13.46 43.54 37.07
N VAL D 156 -13.20 43.31 35.78
CA VAL D 156 -13.87 44.02 34.70
C VAL D 156 -15.16 43.26 34.39
N LYS D 157 -16.28 43.71 34.96
CA LYS D 157 -17.53 42.96 34.92
C LYS D 157 -18.59 43.66 34.09
N ASP D 158 -19.37 42.86 33.36
CA ASP D 158 -20.57 43.29 32.63
C ASP D 158 -20.31 44.31 31.52
N TYR D 159 -19.50 43.94 30.52
CA TYR D 159 -19.31 44.79 29.36
C TYR D 159 -19.71 44.04 28.09
N PHE D 160 -19.97 44.82 27.03
CA PHE D 160 -20.19 44.31 25.68
C PHE D 160 -19.96 45.45 24.70
N PRO D 161 -19.27 45.21 23.57
CA PRO D 161 -18.68 43.92 23.25
C PRO D 161 -17.25 43.86 23.72
N GLU D 162 -16.57 42.77 23.42
CA GLU D 162 -15.12 42.72 23.58
C GLU D 162 -14.49 43.68 22.57
N PRO D 163 -13.26 44.13 22.81
CA PRO D 163 -12.31 43.82 23.89
C PRO D 163 -12.27 44.78 25.06
N VAL D 164 -11.49 44.37 26.06
CA VAL D 164 -11.18 45.18 27.23
C VAL D 164 -9.67 45.14 27.39
N THR D 165 -9.06 46.31 27.60
CA THR D 165 -7.62 46.44 27.78
C THR D 165 -7.34 46.87 29.22
N VAL D 166 -6.45 46.14 29.89
CA VAL D 166 -6.09 46.42 31.27
C VAL D 166 -4.60 46.73 31.33
N SER D 167 -4.27 47.84 31.99
CA SER D 167 -2.90 48.19 32.35
C SER D 167 -2.84 48.40 33.85
N TRP D 168 -1.64 48.31 34.40
CA TRP D 168 -1.40 48.67 35.79
C TRP D 168 -0.30 49.73 35.82
N ASN D 169 -0.68 50.96 36.18
CA ASN D 169 0.24 52.10 36.22
C ASN D 169 0.84 52.37 34.85
N SER D 170 -0.02 52.33 33.82
CA SER D 170 0.33 52.74 32.45
C SER D 170 1.47 51.92 31.86
N GLY D 171 1.46 50.61 32.12
CA GLY D 171 2.50 49.73 31.61
C GLY D 171 3.77 49.65 32.42
N ALA D 172 3.79 50.22 33.63
CA ALA D 172 4.97 50.22 34.48
C ALA D 172 5.08 48.98 35.38
N LEU D 173 3.98 48.26 35.59
CA LEU D 173 3.97 47.02 36.37
C LEU D 173 3.71 45.87 35.42
N THR D 174 4.79 45.33 34.84
CA THR D 174 4.71 44.27 33.84
C THR D 174 4.88 42.88 34.42
N SER D 175 5.83 42.70 35.35
CA SER D 175 6.11 41.38 35.89
C SER D 175 5.06 41.00 36.93
N GLY D 176 4.57 39.75 36.85
CA GLY D 176 3.67 39.20 37.82
C GLY D 176 2.18 39.35 37.51
N VAL D 177 1.84 40.11 36.47
CA VAL D 177 0.44 40.43 36.18
C VAL D 177 -0.11 39.45 35.17
N HIS D 178 -1.30 38.91 35.46
CA HIS D 178 -2.00 37.98 34.59
C HIS D 178 -3.41 38.52 34.33
N THR D 179 -3.65 39.04 33.13
CA THR D 179 -4.99 39.38 32.71
C THR D 179 -5.64 38.12 32.15
N PHE D 180 -6.72 37.66 32.80
CA PHE D 180 -7.38 36.45 32.36
C PHE D 180 -8.12 36.67 31.04
N PRO D 181 -8.43 35.58 30.33
CA PRO D 181 -9.39 35.69 29.23
C PRO D 181 -10.79 35.88 29.76
N ALA D 182 -11.58 36.69 29.06
CA ALA D 182 -12.94 36.98 29.49
C ALA D 182 -13.82 35.74 29.37
N VAL D 183 -15.04 35.86 29.87
CA VAL D 183 -16.01 34.78 29.71
C VAL D 183 -17.36 35.42 29.39
N LEU D 184 -18.23 34.66 28.73
CA LEU D 184 -19.54 35.14 28.35
C LEU D 184 -20.53 34.64 29.39
N GLN D 185 -20.97 35.54 30.26
CA GLN D 185 -21.94 35.21 31.28
C GLN D 185 -23.27 34.87 30.61
N SER D 186 -24.21 34.38 31.42
CA SER D 186 -25.55 34.08 30.90
C SER D 186 -26.35 35.34 30.62
N SER D 187 -25.99 36.47 31.21
CA SER D 187 -26.63 37.74 30.91
C SER D 187 -26.30 38.23 29.50
N GLY D 188 -25.36 37.59 28.81
CA GLY D 188 -24.87 38.09 27.54
C GLY D 188 -23.77 39.13 27.67
N LEU D 189 -23.20 39.31 28.86
CA LEU D 189 -22.15 40.29 29.10
C LEU D 189 -20.87 39.59 29.52
N TYR D 190 -19.74 40.19 29.17
CA TYR D 190 -18.41 39.62 29.42
C TYR D 190 -17.85 40.06 30.76
N SER D 191 -16.99 39.20 31.31
CA SER D 191 -16.34 39.43 32.60
C SER D 191 -14.99 38.74 32.60
N LEU D 192 -14.04 39.35 33.30
CA LEU D 192 -12.70 38.78 33.47
C LEU D 192 -12.12 39.37 34.74
N SER D 193 -10.84 39.10 35.00
CA SER D 193 -10.18 39.67 36.15
C SER D 193 -8.72 39.87 35.83
N SER D 194 -8.11 40.84 36.50
CA SER D 194 -6.70 41.20 36.30
C SER D 194 -6.03 41.14 37.67
N VAL D 195 -5.28 40.07 37.91
CA VAL D 195 -4.69 39.78 39.22
C VAL D 195 -3.20 40.07 39.15
N VAL D 196 -2.66 40.71 40.19
CA VAL D 196 -1.23 41.01 40.30
C VAL D 196 -0.72 40.44 41.62
N THR D 197 0.38 39.68 41.55
CA THR D 197 1.03 39.10 42.71
C THR D 197 2.18 40.01 43.12
N VAL D 198 2.03 40.67 44.27
CA VAL D 198 3.02 41.65 44.71
C VAL D 198 3.55 41.27 46.08
N PRO D 199 4.86 41.39 46.32
CA PRO D 199 5.37 41.31 47.69
C PRO D 199 4.62 42.24 48.63
N SER D 200 4.01 41.67 49.66
CA SER D 200 3.06 42.40 50.49
C SER D 200 3.71 43.44 51.38
N SER D 201 5.04 43.43 51.55
CA SER D 201 5.66 44.27 52.55
C SER D 201 5.39 45.74 52.28
N SER D 202 6.05 46.31 51.26
CA SER D 202 5.56 47.54 50.67
C SER D 202 5.42 47.41 49.15
N LEU D 203 6.56 47.09 48.51
CA LEU D 203 6.77 47.20 47.06
C LEU D 203 6.03 48.42 46.51
N GLY D 204 6.15 49.55 47.20
CA GLY D 204 5.40 50.72 46.84
C GLY D 204 4.11 50.74 47.63
N THR D 205 4.01 51.59 48.65
CA THR D 205 2.83 51.57 49.51
C THR D 205 1.61 52.03 48.73
N GLN D 206 0.64 51.12 48.55
CA GLN D 206 -0.62 51.35 47.85
C GLN D 206 -0.47 52.18 46.57
N THR D 207 0.55 51.89 45.77
CA THR D 207 0.85 52.65 44.57
C THR D 207 0.28 51.98 43.31
N TYR D 208 -0.87 51.32 43.42
CA TYR D 208 -1.38 50.46 42.36
C TYR D 208 -2.77 50.93 41.92
N ILE D 209 -2.92 51.19 40.62
CA ILE D 209 -4.21 51.42 40.00
C ILE D 209 -4.28 50.59 38.73
N CYS D 210 -5.44 50.01 38.46
CA CYS D 210 -5.65 49.22 37.24
C CYS D 210 -6.31 50.10 36.20
N ASN D 211 -5.69 50.19 35.01
CA ASN D 211 -6.12 51.10 33.96
C ASN D 211 -6.97 50.34 32.95
N VAL D 212 -8.23 50.13 33.32
CA VAL D 212 -9.18 49.48 32.43
C VAL D 212 -9.54 50.42 31.30
N ASN D 213 -9.73 49.86 30.10
CA ASN D 213 -10.02 50.66 28.91
C ASN D 213 -10.93 49.84 27.99
N HIS D 214 -12.14 50.35 27.75
CA HIS D 214 -13.13 49.67 26.90
C HIS D 214 -13.43 50.60 25.72
N LYS D 215 -12.69 50.41 24.62
CA LYS D 215 -12.86 51.25 23.44
C LYS D 215 -14.30 51.32 22.93
N PRO D 216 -15.06 50.22 22.79
CA PRO D 216 -16.40 50.36 22.20
C PRO D 216 -17.28 51.38 22.89
N SER D 217 -17.22 51.47 24.21
CA SER D 217 -18.09 52.37 24.97
C SER D 217 -17.38 53.64 25.45
N ASN D 218 -16.08 53.77 25.20
CA ASN D 218 -15.28 54.89 25.70
C ASN D 218 -15.34 54.93 27.23
N THR D 219 -14.83 53.88 27.86
CA THR D 219 -14.77 53.77 29.30
C THR D 219 -13.31 53.60 29.72
N LYS D 220 -12.85 54.45 30.63
CA LYS D 220 -11.52 54.35 31.26
C LYS D 220 -11.68 54.54 32.75
N VAL D 221 -11.29 53.54 33.54
CA VAL D 221 -11.35 53.62 35.00
C VAL D 221 -9.99 53.28 35.58
N ASP D 222 -9.47 54.15 36.44
CA ASP D 222 -8.22 53.92 37.19
C ASP D 222 -8.63 53.63 38.63
N LYS D 223 -8.79 52.34 38.94
CA LYS D 223 -9.22 51.91 40.29
C LYS D 223 -8.01 51.51 41.14
N LYS D 224 -7.94 52.07 42.35
CA LYS D 224 -6.87 51.79 43.30
C LYS D 224 -7.28 50.64 44.22
N VAL D 225 -6.37 49.70 44.42
CA VAL D 225 -6.69 48.45 45.13
C VAL D 225 -6.04 48.54 46.51
N GLU D 226 -6.82 49.03 47.49
CA GLU D 226 -6.49 49.27 48.89
C GLU D 226 -7.27 48.30 49.78
N PRO D 227 -6.67 47.80 50.87
CA PRO D 227 -7.38 46.94 51.83
C PRO D 227 -8.64 47.59 52.39
N ALA E 1 -19.45 13.91 14.47
CA ALA E 1 -18.74 12.79 15.13
C ALA E 1 -17.27 12.68 14.66
N GLN E 2 -16.34 12.69 15.63
CA GLN E 2 -14.91 12.70 15.35
C GLN E 2 -14.42 11.31 14.94
N MET E 3 -13.33 11.30 14.17
CA MET E 3 -12.82 10.08 13.57
C MET E 3 -11.45 9.68 14.07
N THR E 4 -10.82 10.51 14.90
CA THR E 4 -9.42 10.30 15.25
C THR E 4 -9.26 10.63 16.71
N GLN E 5 -8.22 10.09 17.32
CA GLN E 5 -8.00 10.28 18.74
C GLN E 5 -6.51 10.39 19.02
N SER E 6 -6.12 11.45 19.70
CA SER E 6 -4.75 11.63 20.16
C SER E 6 -4.80 12.13 21.59
N PRO E 7 -3.72 11.95 22.36
CA PRO E 7 -3.76 12.34 23.76
C PRO E 7 -3.94 13.85 23.94
N SER E 8 -4.53 14.23 25.07
CA SER E 8 -4.87 15.63 25.31
C SER E 8 -3.62 16.51 25.40
N SER E 9 -2.56 16.01 26.04
CA SER E 9 -1.37 16.80 26.26
C SER E 9 -0.11 15.93 26.13
N VAL E 10 0.97 16.54 25.63
CA VAL E 10 2.30 15.98 25.69
C VAL E 10 3.25 17.08 26.16
N SER E 11 4.18 16.70 27.03
CA SER E 11 5.08 17.64 27.72
C SER E 11 6.51 17.41 27.26
N ALA E 12 7.19 18.48 26.84
CA ALA E 12 8.50 18.36 26.21
C ALA E 12 9.34 19.61 26.43
N SER E 13 10.64 19.45 26.22
CA SER E 13 11.60 20.55 26.35
C SER E 13 12.31 20.76 25.02
N VAL E 14 12.72 22.00 24.78
CA VAL E 14 13.41 22.34 23.54
C VAL E 14 14.55 21.36 23.30
N GLY E 15 14.75 20.96 22.05
CA GLY E 15 15.76 19.97 21.76
C GLY E 15 15.19 18.56 21.66
N ASP E 16 14.23 18.23 22.52
CA ASP E 16 13.68 16.89 22.63
C ASP E 16 13.21 16.32 21.30
N ARG E 17 13.13 14.99 21.24
CA ARG E 17 12.46 14.30 20.14
C ARG E 17 11.09 13.88 20.63
N VAL E 18 10.07 14.44 20.02
CA VAL E 18 8.69 14.31 20.47
C VAL E 18 7.93 13.48 19.47
N THR E 19 7.09 12.56 19.96
CA THR E 19 6.16 11.81 19.14
C THR E 19 4.74 12.02 19.66
N ILE E 20 3.80 12.14 18.75
CA ILE E 20 2.39 12.23 19.11
C ILE E 20 1.69 11.02 18.48
N PRO E 21 1.11 10.14 19.27
CA PRO E 21 0.36 9.01 18.70
C PRO E 21 -1.04 9.44 18.28
N CYS E 22 -1.58 8.74 17.29
CA CYS E 22 -2.91 9.00 16.78
C CYS E 22 -3.53 7.67 16.37
N ARG E 23 -4.72 7.38 16.90
CA ARG E 23 -5.48 6.20 16.50
C ARG E 23 -6.68 6.64 15.69
N ALA E 24 -6.79 6.12 14.49
CA ALA E 24 -7.83 6.47 13.55
C ALA E 24 -8.90 5.40 13.57
N SER E 25 -10.09 5.77 13.08
CA SER E 25 -11.06 4.75 12.76
C SER E 25 -10.53 3.88 11.63
N GLN E 26 -10.87 2.59 11.67
CA GLN E 26 -10.45 1.71 10.60
C GLN E 26 -10.92 2.28 9.26
N GLY E 27 -10.30 1.81 8.18
CA GLY E 27 -10.83 2.12 6.88
C GLY E 27 -10.48 3.49 6.40
N ILE E 28 -9.48 4.11 7.03
CA ILE E 28 -8.91 5.37 6.59
C ILE E 28 -7.69 5.10 5.71
N GLY E 29 -6.96 4.06 5.99
CA GLY E 29 -5.88 3.71 5.12
C GLY E 29 -4.76 4.71 5.21
N ASN E 30 -4.64 5.48 4.15
CA ASN E 30 -3.57 6.43 3.95
C ASN E 30 -3.95 7.87 4.30
N TRP E 31 -5.24 8.17 4.35
CA TRP E 31 -5.73 9.52 4.22
C TRP E 31 -5.78 10.20 5.59
N LEU E 32 -4.59 10.53 6.09
CA LEU E 32 -4.42 11.13 7.40
C LEU E 32 -3.53 12.35 7.30
N ALA E 33 -4.02 13.47 7.83
CA ALA E 33 -3.33 14.76 7.81
C ALA E 33 -2.94 15.16 9.23
N TRP E 34 -1.81 15.84 9.36
CA TRP E 34 -1.49 16.53 10.60
C TRP E 34 -1.56 18.05 10.41
N TYR E 35 -2.17 18.73 11.37
CA TYR E 35 -2.40 20.16 11.38
C TYR E 35 -1.86 20.75 12.67
N GLN E 36 -1.23 21.92 12.57
CA GLN E 36 -0.75 22.67 13.71
C GLN E 36 -1.59 23.91 13.90
N GLN E 37 -1.91 24.24 15.15
CA GLN E 37 -2.63 25.46 15.41
C GLN E 37 -1.98 26.19 16.57
N LYS E 38 -1.63 27.47 16.34
CA LYS E 38 -1.37 28.31 17.49
C LYS E 38 -2.67 28.98 17.92
N PRO E 39 -2.83 29.34 19.19
CA PRO E 39 -4.15 29.81 19.64
C PRO E 39 -4.61 31.03 18.84
N GLY E 40 -5.92 31.05 18.54
CA GLY E 40 -6.55 32.13 17.81
C GLY E 40 -6.24 32.20 16.31
N LYS E 41 -5.19 31.49 15.87
CA LYS E 41 -4.68 31.54 14.51
C LYS E 41 -5.16 30.36 13.66
N ALA E 42 -5.08 30.53 12.34
CA ALA E 42 -5.55 29.47 11.46
C ALA E 42 -4.61 28.26 11.55
N PRO E 43 -5.16 27.07 11.42
CA PRO E 43 -4.33 25.87 11.50
C PRO E 43 -3.45 25.75 10.26
N LYS E 44 -2.37 24.97 10.39
CA LYS E 44 -1.41 24.85 9.26
C LYS E 44 -1.13 23.38 8.93
N LEU E 45 -1.35 23.01 7.66
CA LEU E 45 -1.07 21.67 7.16
C LEU E 45 0.42 21.38 7.30
N LEU E 46 0.76 20.37 8.11
CA LEU E 46 2.13 19.92 8.29
C LEU E 46 2.43 18.71 7.45
N ILE E 47 1.57 17.68 7.55
CA ILE E 47 1.81 16.43 6.86
C ILE E 47 0.52 15.94 6.22
N TYR E 48 0.64 15.42 5.00
CA TYR E 48 -0.51 14.86 4.31
C TYR E 48 -0.17 13.47 3.82
N ALA E 49 -1.23 12.70 3.50
CA ALA E 49 -1.10 11.29 3.09
C ALA E 49 -0.25 10.53 4.10
N ALA E 50 -0.39 10.93 5.36
CA ALA E 50 0.13 10.26 6.56
C ALA E 50 1.64 10.38 6.70
N SER E 51 2.35 10.62 5.62
CA SER E 51 3.81 10.68 5.72
C SER E 51 4.45 11.68 4.79
N SER E 52 3.69 12.50 4.05
CA SER E 52 4.27 13.42 3.09
C SER E 52 4.46 14.78 3.75
N LEU E 53 5.70 15.29 3.70
CA LEU E 53 5.95 16.61 4.26
C LEU E 53 5.35 17.65 3.34
N GLN E 54 4.50 18.50 3.89
CA GLN E 54 3.90 19.56 3.09
C GLN E 54 4.95 20.60 2.70
N SER E 55 4.75 21.23 1.55
CA SER E 55 5.64 22.30 1.09
C SER E 55 5.85 23.36 2.16
N GLY E 56 7.08 23.87 2.27
CA GLY E 56 7.38 24.95 3.17
C GLY E 56 7.50 24.58 4.64
N VAL E 57 7.20 23.33 5.00
CA VAL E 57 7.21 22.89 6.40
C VAL E 57 8.57 22.35 6.82
N PRO E 58 9.07 22.72 8.01
CA PRO E 58 10.42 22.29 8.43
C PRO E 58 10.57 20.77 8.46
N SER E 59 11.76 20.31 8.03
CA SER E 59 11.99 18.88 7.89
C SER E 59 11.96 18.15 9.23
N ARG E 60 12.04 18.85 10.37
CA ARG E 60 12.00 18.16 11.65
C ARG E 60 10.65 17.53 11.94
N PHE E 61 9.60 17.98 11.25
CA PHE E 61 8.31 17.32 11.30
C PHE E 61 8.30 16.15 10.33
N SER E 62 7.86 14.98 10.81
CA SER E 62 7.69 13.81 9.95
C SER E 62 6.50 12.98 10.44
N GLY E 63 5.86 12.29 9.51
CA GLY E 63 4.68 11.50 9.81
C GLY E 63 4.82 10.06 9.38
N SER E 64 4.39 9.15 10.24
CA SER E 64 4.46 7.72 9.93
C SER E 64 3.21 7.03 10.45
N GLY E 65 3.00 5.82 9.94
CA GLY E 65 1.97 4.94 10.46
C GLY E 65 1.14 4.31 9.37
N SER E 66 0.60 3.15 9.68
CA SER E 66 -0.18 2.36 8.75
C SER E 66 -1.46 1.91 9.41
N GLY E 67 -2.55 1.95 8.65
CA GLY E 67 -3.77 1.30 9.10
C GLY E 67 -4.64 2.18 9.97
N THR E 68 -4.52 2.03 11.29
CA THR E 68 -5.22 2.89 12.22
C THR E 68 -4.31 3.53 13.25
N ASP E 69 -3.02 3.20 13.28
CA ASP E 69 -2.11 3.81 14.25
C ASP E 69 -1.11 4.68 13.50
N PHE E 70 -1.23 5.99 13.67
CA PHE E 70 -0.36 6.97 13.05
C PHE E 70 0.34 7.77 14.13
N THR E 71 1.37 8.48 13.72
CA THR E 71 2.17 9.20 14.70
C THR E 71 2.95 10.33 14.02
N LEU E 72 2.93 11.50 14.64
CA LEU E 72 3.69 12.66 14.20
C LEU E 72 4.92 12.74 15.09
N THR E 73 6.08 12.96 14.49
CA THR E 73 7.28 13.05 15.31
C THR E 73 8.01 14.32 14.94
N ILE E 74 8.53 15.00 15.96
CA ILE E 74 9.25 16.27 15.83
C ILE E 74 10.65 15.99 16.34
N SER E 75 11.62 15.86 15.43
CA SER E 75 12.93 15.40 15.88
C SER E 75 13.53 16.39 16.87
N SER E 76 13.60 17.67 16.51
CA SER E 76 14.35 18.65 17.30
C SER E 76 13.43 19.79 17.66
N LEU E 77 12.79 19.68 18.82
CA LEU E 77 11.77 20.65 19.19
C LEU E 77 12.35 22.06 19.32
N GLN E 78 11.79 23.01 18.57
CA GLN E 78 12.06 24.43 18.67
C GLN E 78 11.01 25.11 19.53
N PRO E 79 11.34 26.27 20.10
CA PRO E 79 10.35 26.94 20.95
C PRO E 79 9.09 27.32 20.22
N GLU E 80 9.14 27.51 18.90
CA GLU E 80 7.93 27.88 18.20
C GLU E 80 7.04 26.69 17.90
N ASP E 81 7.45 25.48 18.29
CA ASP E 81 6.68 24.29 17.98
C ASP E 81 5.62 23.99 19.03
N PHE E 82 5.70 24.61 20.19
CA PHE E 82 4.62 24.49 21.16
C PHE E 82 3.33 25.06 20.57
N ALA E 83 2.35 24.20 20.39
CA ALA E 83 1.07 24.58 19.81
C ALA E 83 0.12 23.41 20.04
N THR E 84 -1.03 23.42 19.38
CA THR E 84 -1.91 22.28 19.41
C THR E 84 -1.81 21.56 18.07
N TYR E 85 -1.77 20.24 18.13
CA TYR E 85 -1.63 19.39 16.95
C TYR E 85 -2.86 18.50 16.82
N TYR E 86 -3.36 18.38 15.60
CA TYR E 86 -4.54 17.57 15.29
C TYR E 86 -4.15 16.53 14.24
N CYS E 87 -4.63 15.30 14.42
CA CYS E 87 -4.59 14.33 13.33
C CYS E 87 -5.99 14.22 12.78
N GLN E 88 -6.11 14.29 11.47
CA GLN E 88 -7.37 14.54 10.82
C GLN E 88 -7.52 13.56 9.67
N GLN E 89 -8.59 12.78 9.70
CA GLN E 89 -8.92 11.92 8.58
C GLN E 89 -9.33 12.79 7.41
N ALA E 90 -8.74 12.55 6.22
CA ALA E 90 -8.86 13.52 5.14
C ALA E 90 -10.04 13.24 4.22
N ASN E 91 -11.15 12.73 4.75
CA ASN E 91 -12.37 12.54 3.97
C ASN E 91 -13.57 12.71 4.91
N SER E 92 -14.69 13.16 4.33
CA SER E 92 -15.94 13.49 5.04
C SER E 92 -15.73 14.34 6.30
N PHE E 93 -14.77 15.24 6.25
CA PHE E 93 -14.71 16.37 7.20
C PHE E 93 -15.07 16.00 8.63
N PRO E 94 -14.25 15.18 9.31
CA PRO E 94 -14.51 14.91 10.72
C PRO E 94 -14.21 16.13 11.57
N PRO E 95 -14.83 16.24 12.74
CA PRO E 95 -14.49 17.36 13.64
C PRO E 95 -13.09 17.19 14.23
N PHE E 96 -12.53 18.33 14.61
CA PHE E 96 -11.14 18.36 15.05
C PHE E 96 -10.97 17.82 16.48
N GLY E 97 -11.90 18.15 17.38
CA GLY E 97 -11.76 17.74 18.76
C GLY E 97 -10.72 18.56 19.52
N GLN E 98 -10.29 18.03 20.66
CA GLN E 98 -9.35 18.74 21.51
C GLN E 98 -7.92 18.71 20.99
N GLY E 99 -7.59 17.77 20.10
CA GLY E 99 -6.22 17.71 19.64
C GLY E 99 -5.27 17.36 20.77
N THR E 100 -3.98 17.54 20.47
CA THR E 100 -2.89 17.34 21.42
C THR E 100 -2.21 18.67 21.69
N ARG E 101 -2.24 19.12 22.94
CA ARG E 101 -1.51 20.31 23.38
C ARG E 101 -0.04 19.96 23.60
N LEU E 102 0.86 20.62 22.88
CA LEU E 102 2.28 20.38 23.07
C LEU E 102 2.80 21.49 23.97
N GLU E 103 3.05 21.17 25.24
CA GLU E 103 3.44 22.14 26.26
C GLU E 103 4.83 21.83 26.78
N ILE E 104 5.37 22.79 27.54
CA ILE E 104 6.73 22.72 28.06
C ILE E 104 6.77 21.85 29.31
N LYS E 105 7.69 20.90 29.37
CA LYS E 105 7.87 20.11 30.58
C LYS E 105 8.51 20.96 31.67
N ARG E 106 8.27 20.56 32.91
CA ARG E 106 8.66 21.36 34.07
C ARG E 106 8.37 20.52 35.31
N THR E 107 9.14 20.76 36.36
CA THR E 107 8.89 20.08 37.64
C THR E 107 7.50 20.43 38.15
N VAL E 108 6.85 19.46 38.79
CA VAL E 108 5.48 19.64 39.24
C VAL E 108 5.44 20.64 40.40
N ALA E 109 4.63 21.70 40.25
CA ALA E 109 4.53 22.78 41.22
C ALA E 109 3.07 22.98 41.60
N ALA E 110 2.79 23.01 42.91
CA ALA E 110 1.43 23.14 43.43
C ALA E 110 0.97 24.60 43.38
N PRO E 111 -0.33 24.83 43.25
CA PRO E 111 -0.83 26.20 43.10
C PRO E 111 -0.94 26.92 44.44
N SER E 112 -0.59 28.21 44.44
CA SER E 112 -0.81 29.09 45.59
C SER E 112 -2.26 29.55 45.59
N VAL E 113 -3.12 28.83 46.31
CA VAL E 113 -4.56 29.06 46.25
C VAL E 113 -4.96 30.23 47.13
N PHE E 114 -5.82 31.11 46.60
CA PHE E 114 -6.33 32.27 47.31
C PHE E 114 -7.85 32.31 47.21
N ILE E 115 -8.50 32.90 48.21
CA ILE E 115 -9.95 33.00 48.27
C ILE E 115 -10.32 34.46 48.48
N PHE E 116 -11.30 34.95 47.73
CA PHE E 116 -11.67 36.37 47.73
C PHE E 116 -13.18 36.51 47.82
N PRO E 117 -13.70 37.12 48.89
CA PRO E 117 -15.15 37.27 49.04
C PRO E 117 -15.69 38.36 48.14
N PRO E 118 -17.01 38.46 48.01
CA PRO E 118 -17.61 39.48 47.13
C PRO E 118 -17.38 40.89 47.63
N SER E 119 -17.51 41.84 46.71
CA SER E 119 -17.24 43.24 46.95
C SER E 119 -18.39 43.91 47.71
N ASP E 120 -18.08 45.05 48.32
CA ASP E 120 -19.14 45.91 48.88
C ASP E 120 -20.02 46.46 47.77
N GLU E 121 -19.41 47.06 46.74
CA GLU E 121 -20.15 47.74 45.69
C GLU E 121 -21.02 46.76 44.90
N GLN E 122 -20.48 45.59 44.59
CA GLN E 122 -21.26 44.60 43.84
C GLN E 122 -22.46 44.11 44.63
N LEU E 123 -22.35 44.05 45.96
CA LEU E 123 -23.49 43.72 46.80
C LEU E 123 -24.49 44.86 46.88
N LYS E 124 -24.10 46.06 46.47
CA LYS E 124 -25.06 47.13 46.26
C LYS E 124 -25.83 46.94 44.95
N SER E 125 -25.21 46.34 43.93
CA SER E 125 -25.89 46.02 42.69
C SER E 125 -26.84 44.84 42.81
N GLY E 126 -26.70 44.05 43.86
CA GLY E 126 -27.59 42.93 44.11
C GLY E 126 -27.05 41.56 43.75
N THR E 127 -25.77 41.46 43.39
CA THR E 127 -25.17 40.19 43.02
C THR E 127 -23.81 40.07 43.67
N ALA E 128 -23.35 38.83 43.83
CA ALA E 128 -22.09 38.53 44.50
C ALA E 128 -21.29 37.52 43.69
N SER E 129 -19.97 37.72 43.64
CA SER E 129 -19.06 36.81 42.94
C SER E 129 -17.87 36.50 43.84
N VAL E 130 -17.55 35.22 43.96
CA VAL E 130 -16.45 34.76 44.80
C VAL E 130 -15.36 34.19 43.91
N VAL E 131 -14.13 34.65 44.12
CA VAL E 131 -13.00 34.36 43.24
C VAL E 131 -11.98 33.51 44.01
N CYS E 132 -11.56 32.40 43.41
CA CYS E 132 -10.57 31.51 43.99
C CYS E 132 -9.41 31.37 43.00
N LEU E 133 -8.30 32.02 43.29
CA LEU E 133 -7.14 32.00 42.41
C LEU E 133 -6.38 30.68 42.53
N LEU E 134 -5.70 30.32 41.45
CA LEU E 134 -4.74 29.20 41.46
C LEU E 134 -3.52 29.69 40.68
N ASN E 135 -2.49 30.12 41.39
CA ASN E 135 -1.38 30.84 40.77
C ASN E 135 -0.17 29.92 40.62
N ASN E 136 0.33 29.81 39.38
CA ASN E 136 1.65 29.25 39.08
C ASN E 136 1.79 27.77 39.47
N PHE E 137 0.98 26.93 38.83
CA PHE E 137 1.04 25.49 39.02
C PHE E 137 1.33 24.80 37.70
N TYR E 138 2.23 23.80 37.71
CA TYR E 138 2.60 23.21 36.42
C TYR E 138 1.58 22.23 35.86
N PRO E 139 1.22 21.13 36.55
CA PRO E 139 0.26 20.20 35.93
C PRO E 139 -1.09 20.87 35.74
N ARG E 140 -1.47 21.13 34.49
CA ARG E 140 -2.59 22.06 34.26
C ARG E 140 -3.89 21.51 34.81
N GLU E 141 -4.13 20.20 34.65
CA GLU E 141 -5.37 19.63 35.16
C GLU E 141 -5.49 19.90 36.65
N ALA E 142 -6.67 20.39 37.06
CA ALA E 142 -6.92 20.72 38.45
C ALA E 142 -8.42 20.59 38.72
N LYS E 143 -8.73 20.39 40.00
CA LYS E 143 -10.10 20.43 40.49
C LYS E 143 -10.24 21.60 41.45
N VAL E 144 -11.32 22.35 41.31
CA VAL E 144 -11.72 23.34 42.30
C VAL E 144 -13.21 23.16 42.57
N GLN E 145 -13.57 22.87 43.81
CA GLN E 145 -14.94 22.51 44.17
C GLN E 145 -15.40 23.39 45.32
N TRP E 146 -16.28 24.34 45.01
CA TRP E 146 -16.83 25.22 46.03
C TRP E 146 -17.67 24.42 47.02
N LYS E 147 -17.77 24.94 48.24
CA LYS E 147 -18.52 24.28 49.32
C LYS E 147 -19.30 25.34 50.06
N VAL E 148 -20.61 25.35 49.90
CA VAL E 148 -21.50 26.22 50.65
C VAL E 148 -22.08 25.39 51.78
N ASP E 149 -21.72 25.73 53.02
CA ASP E 149 -22.18 25.01 54.21
C ASP E 149 -21.86 23.52 54.10
N ASN E 150 -20.67 23.21 53.60
CA ASN E 150 -20.19 21.84 53.45
C ASN E 150 -21.11 21.01 52.57
N ALA E 151 -21.67 21.64 51.54
CA ALA E 151 -22.39 20.95 50.47
C ALA E 151 -21.81 21.39 49.14
N LEU E 152 -21.64 20.43 48.23
CA LEU E 152 -20.96 20.71 46.97
C LEU E 152 -21.83 21.51 46.01
N GLN E 153 -21.21 22.47 45.32
CA GLN E 153 -21.89 23.33 44.35
C GLN E 153 -21.69 22.79 42.94
N SER E 154 -22.70 23.01 42.09
CA SER E 154 -22.63 22.60 40.70
C SER E 154 -23.20 23.69 39.81
N GLY E 155 -22.72 23.73 38.57
CA GLY E 155 -23.29 24.59 37.54
C GLY E 155 -23.32 26.08 37.81
N ASN E 156 -22.76 26.50 38.96
CA ASN E 156 -22.71 27.91 39.33
C ASN E 156 -21.29 28.46 39.33
N SER E 157 -20.36 27.75 38.68
CA SER E 157 -18.96 28.11 38.66
C SER E 157 -18.47 28.24 37.22
N GLN E 158 -17.59 29.23 36.98
CA GLN E 158 -16.97 29.47 35.68
C GLN E 158 -15.46 29.62 35.83
N GLU E 159 -14.71 28.85 35.03
CA GLU E 159 -13.25 28.86 35.06
C GLU E 159 -12.69 29.49 33.79
N SER E 160 -11.46 30.00 33.89
CA SER E 160 -10.69 30.42 32.74
C SER E 160 -9.22 30.36 33.12
N VAL E 161 -8.40 29.81 32.24
CA VAL E 161 -7.00 29.55 32.50
C VAL E 161 -6.15 30.26 31.46
N THR E 162 -5.01 30.80 31.90
CA THR E 162 -4.05 31.41 30.99
C THR E 162 -3.23 30.34 30.28
N GLU E 163 -2.70 30.70 29.11
CA GLU E 163 -1.72 29.86 28.45
C GLU E 163 -0.44 29.81 29.27
N GLN E 164 0.34 28.76 29.06
CA GLN E 164 1.58 28.56 29.81
C GLN E 164 2.42 29.84 29.82
N ASP E 165 2.67 30.37 31.01
CA ASP E 165 3.44 31.60 31.14
C ASP E 165 4.80 31.44 30.48
N SER E 166 5.19 32.46 29.71
CA SER E 166 6.48 32.40 29.03
C SER E 166 7.62 32.28 30.03
N LYS E 167 7.58 33.05 31.10
CA LYS E 167 8.68 33.06 32.07
C LYS E 167 8.77 31.76 32.85
N ASP E 168 7.75 31.47 33.67
CA ASP E 168 7.85 30.42 34.68
C ASP E 168 7.21 29.10 34.24
N SER E 169 6.75 29.01 32.99
CA SER E 169 6.24 27.76 32.43
C SER E 169 5.14 27.15 33.28
N THR E 170 4.35 27.97 33.96
CA THR E 170 3.26 27.49 34.77
C THR E 170 1.94 27.99 34.21
N TYR E 171 0.86 27.49 34.80
CA TYR E 171 -0.49 27.89 34.44
C TYR E 171 -1.13 28.59 35.62
N SER E 172 -2.21 29.30 35.33
CA SER E 172 -3.02 29.94 36.35
C SER E 172 -4.47 29.62 36.09
N LEU E 173 -5.28 29.66 37.17
CA LEU E 173 -6.70 29.37 37.06
C LEU E 173 -7.49 30.33 37.93
N SER E 174 -8.64 30.76 37.42
CA SER E 174 -9.63 31.48 38.20
C SER E 174 -10.96 30.74 38.10
N SER E 175 -11.68 30.70 39.21
CA SER E 175 -13.02 30.11 39.27
C SER E 175 -13.93 31.12 39.94
N THR E 176 -15.07 31.40 39.31
CA THR E 176 -16.01 32.42 39.79
C THR E 176 -17.32 31.77 40.23
N LEU E 177 -17.79 32.14 41.41
CA LEU E 177 -19.08 31.69 41.94
C LEU E 177 -20.10 32.81 41.81
N THR E 178 -21.26 32.49 41.24
CA THR E 178 -22.31 33.46 41.00
C THR E 178 -23.38 33.34 42.08
N LEU E 179 -23.68 34.45 42.76
CA LEU E 179 -24.64 34.44 43.86
C LEU E 179 -25.36 35.79 43.96
N SER E 180 -26.69 35.74 44.05
CA SER E 180 -27.48 36.92 44.33
C SER E 180 -27.48 37.22 45.82
N LYS E 181 -27.54 38.51 46.17
CA LYS E 181 -27.60 38.89 47.57
C LYS E 181 -28.83 38.32 48.27
N ALA E 182 -29.88 37.97 47.51
CA ALA E 182 -31.00 37.23 48.08
C ALA E 182 -30.57 35.84 48.53
N ASP E 183 -29.83 35.14 47.68
CA ASP E 183 -29.27 33.83 48.00
C ASP E 183 -27.93 33.93 48.71
N TYR E 184 -27.43 35.14 48.93
CA TYR E 184 -26.17 35.38 49.63
C TYR E 184 -26.35 35.61 51.12
N GLU E 185 -27.56 35.51 51.63
CA GLU E 185 -27.80 35.67 53.06
C GLU E 185 -27.88 34.34 53.81
N LYS E 186 -27.68 33.21 53.13
CA LYS E 186 -27.47 31.90 53.74
C LYS E 186 -26.04 31.52 53.39
N HIS E 187 -25.09 31.89 54.26
CA HIS E 187 -23.70 32.02 53.83
C HIS E 187 -22.75 31.68 54.98
N LYS E 188 -21.49 32.08 54.81
CA LYS E 188 -20.41 32.05 55.80
C LYS E 188 -19.86 30.65 56.07
N VAL E 189 -20.16 29.68 55.21
CA VAL E 189 -19.27 28.53 54.98
C VAL E 189 -19.04 28.50 53.49
N TYR E 190 -18.03 29.25 53.03
CA TYR E 190 -17.74 29.44 51.61
C TYR E 190 -16.28 29.07 51.40
N ALA E 191 -16.05 27.90 50.81
CA ALA E 191 -14.73 27.33 50.70
C ALA E 191 -14.44 26.91 49.26
N CYS E 192 -13.17 26.94 48.91
CA CYS E 192 -12.67 26.50 47.63
C CYS E 192 -11.69 25.36 47.89
N GLU E 193 -11.98 24.18 47.33
CA GLU E 193 -11.15 23.00 47.56
C GLU E 193 -10.47 22.60 46.26
N VAL E 194 -9.14 22.58 46.28
CA VAL E 194 -8.33 22.31 45.09
C VAL E 194 -7.76 20.90 45.20
N THR E 195 -8.09 20.05 44.25
CA THR E 195 -7.48 18.73 44.11
C THR E 195 -6.40 18.84 43.05
N HIS E 196 -5.14 18.82 43.47
CA HIS E 196 -4.03 19.04 42.54
C HIS E 196 -2.90 18.06 42.83
N GLN E 197 -2.12 17.78 41.78
CA GLN E 197 -1.02 16.81 41.89
C GLN E 197 0.07 17.33 42.82
N GLY E 198 0.37 18.62 42.77
CA GLY E 198 1.40 19.18 43.63
C GLY E 198 1.10 19.11 45.12
N LEU E 199 -0.14 18.85 45.47
CA LEU E 199 -0.58 18.74 46.86
C LEU E 199 -0.80 17.27 47.22
N SER E 200 -0.21 16.83 48.33
CA SER E 200 -0.42 15.47 48.79
C SER E 200 -1.88 15.22 49.15
N SER E 201 -2.55 16.22 49.71
CA SER E 201 -3.97 16.16 50.02
C SER E 201 -4.65 17.42 49.49
N PRO E 202 -5.96 17.35 49.21
CA PRO E 202 -6.69 18.56 48.77
C PRO E 202 -6.62 19.69 49.81
N VAL E 203 -6.49 20.92 49.30
CA VAL E 203 -6.29 22.11 50.13
C VAL E 203 -7.53 22.98 50.04
N THR E 204 -7.94 23.55 51.19
CA THR E 204 -9.07 24.45 51.24
C THR E 204 -8.66 25.77 51.89
N LYS E 205 -9.08 26.88 51.29
CA LYS E 205 -8.85 28.21 51.84
C LYS E 205 -10.17 28.98 51.90
#